data_4BL4
#
_entry.id   4BL4
#
_cell.length_a   115.370
_cell.length_b   44.160
_cell.length_c   186.540
_cell.angle_alpha   90.00
_cell.angle_beta   90.69
_cell.angle_gamma   90.00
#
_symmetry.space_group_name_H-M   'C 1 2 1'
#
_entity_poly.entity_id   1
_entity_poly.type   'polypeptide(L)'
_entity_poly.pdbx_seq_one_letter_code
;ETIASELKAIGKELEDQKKEENIQIAKIAKEKFDFLSTFKVGPYDLIDEDIQMKIKRTLYSSLDYKKENIEKLKEILEIL
KKNSEHYNIIGRLIYHISWGIQFQIEQNLELIQNGVENLSQEESKSLLMQIKSNLEIKQRLKKTLNETLKVYNQNTQDNE
KILAEHFNKYYKDFDTLKPAF
;
_entity_poly.pdbx_strand_id   A,B,C,D
#
# COMPACT_ATOMS: atom_id res chain seq x y z
N GLU A 1 -23.97 36.76 -34.93
CA GLU A 1 -23.99 38.21 -35.09
C GLU A 1 -25.10 38.89 -34.26
N THR A 2 -24.80 39.99 -33.49
CA THR A 2 -23.46 40.57 -33.35
C THR A 2 -22.63 39.94 -32.22
N ILE A 3 -23.01 38.71 -31.80
CA ILE A 3 -22.27 37.95 -30.80
C ILE A 3 -20.93 37.56 -31.43
N ALA A 4 -20.93 37.31 -32.76
CA ALA A 4 -19.76 36.97 -33.56
C ALA A 4 -18.74 38.12 -33.58
N SER A 5 -19.24 39.38 -33.53
CA SER A 5 -18.43 40.61 -33.50
C SER A 5 -17.83 40.78 -32.10
N GLU A 6 -18.64 40.49 -31.06
CA GLU A 6 -18.31 40.55 -29.63
C GLU A 6 -17.23 39.53 -29.30
N LEU A 7 -17.39 38.27 -29.79
CA LEU A 7 -16.47 37.14 -29.58
C LEU A 7 -15.10 37.37 -30.19
N LYS A 8 -15.05 37.81 -31.47
CA LYS A 8 -13.80 38.11 -32.18
C LYS A 8 -13.02 39.23 -31.46
N ALA A 9 -13.74 40.20 -30.88
CA ALA A 9 -13.17 41.32 -30.13
C ALA A 9 -12.64 40.88 -28.76
N ILE A 10 -13.40 40.03 -28.04
CA ILE A 10 -12.99 39.49 -26.73
C ILE A 10 -11.85 38.47 -26.90
N GLY A 11 -11.74 37.87 -28.09
CA GLY A 11 -10.68 36.92 -28.46
C GLY A 11 -9.38 37.62 -28.72
N LYS A 12 -9.46 38.80 -29.38
CA LYS A 12 -8.32 39.67 -29.68
C LYS A 12 -7.78 40.23 -28.35
N GLU A 13 -8.69 40.60 -27.42
CA GLU A 13 -8.44 41.12 -26.06
C GLU A 13 -7.61 40.10 -25.26
N LEU A 14 -8.07 38.82 -25.24
CA LEU A 14 -7.42 37.70 -24.57
C LEU A 14 -6.05 37.40 -25.17
N GLU A 15 -5.92 37.53 -26.52
CA GLU A 15 -4.65 37.27 -27.21
C GLU A 15 -3.61 38.35 -26.91
N ASP A 16 -4.07 39.58 -26.62
CA ASP A 16 -3.22 40.71 -26.23
C ASP A 16 -2.70 40.44 -24.80
N GLN A 17 -3.61 40.09 -23.86
CA GLN A 17 -3.32 39.73 -22.46
C GLN A 17 -2.24 38.66 -22.39
N LYS A 18 -2.32 37.67 -23.31
CA LYS A 18 -1.41 36.53 -23.46
C LYS A 18 -0.04 36.95 -23.98
N LYS A 19 -0.01 37.90 -24.95
CA LYS A 19 1.23 38.40 -25.56
C LYS A 19 2.03 39.25 -24.57
N GLU A 20 1.34 40.14 -23.82
CA GLU A 20 1.97 40.98 -22.81
C GLU A 20 2.46 40.15 -21.63
N GLU A 21 1.68 39.10 -21.21
CA GLU A 21 2.10 38.25 -20.10
C GLU A 21 3.32 37.42 -20.50
N ASN A 22 3.39 36.94 -21.76
CA ASN A 22 4.56 36.20 -22.29
C ASN A 22 5.86 37.02 -22.20
N ILE A 23 5.77 38.34 -22.47
CA ILE A 23 6.89 39.28 -22.41
C ILE A 23 7.30 39.51 -20.95
N GLN A 24 6.32 39.85 -20.10
CA GLN A 24 6.47 40.12 -18.67
C GLN A 24 7.03 38.91 -17.90
N ILE A 25 6.63 37.68 -18.31
CA ILE A 25 7.11 36.43 -17.71
C ILE A 25 8.58 36.18 -18.13
N ALA A 26 8.93 36.46 -19.40
CA ALA A 26 10.29 36.31 -19.95
C ALA A 26 11.33 37.15 -19.20
N LYS A 27 10.94 38.39 -18.81
CA LYS A 27 11.83 39.28 -18.06
C LYS A 27 12.08 38.76 -16.63
N ILE A 28 11.04 38.18 -15.96
CA ILE A 28 11.12 37.59 -14.62
C ILE A 28 12.10 36.39 -14.61
N ALA A 29 12.15 35.63 -15.73
CA ALA A 29 13.06 34.49 -15.89
C ALA A 29 14.53 34.94 -16.01
N LYS A 30 14.76 36.12 -16.62
CA LYS A 30 16.09 36.73 -16.77
C LYS A 30 16.53 37.43 -15.48
N GLU A 31 15.57 38.10 -14.79
CA GLU A 31 15.76 38.81 -13.53
C GLU A 31 15.85 37.84 -12.32
N LYS A 32 15.89 36.52 -12.62
CA LYS A 32 16.06 35.33 -11.79
C LYS A 32 15.22 35.28 -10.47
N PHE A 33 13.93 35.63 -10.55
CA PHE A 33 13.02 35.52 -9.39
C PHE A 33 11.73 34.74 -9.77
N ASP A 34 11.86 33.87 -10.78
CA ASP A 34 10.81 33.00 -11.29
C ASP A 34 10.86 31.69 -10.46
N PHE A 35 10.36 31.76 -9.20
CA PHE A 35 10.36 30.63 -8.25
C PHE A 35 9.54 29.45 -8.72
N LEU A 36 8.46 29.72 -9.49
CA LEU A 36 7.54 28.71 -10.00
C LEU A 36 8.20 27.73 -10.97
N SER A 37 9.33 28.12 -11.59
CA SER A 37 10.09 27.24 -12.48
C SER A 37 10.65 26.03 -11.72
N THR A 38 11.02 26.24 -10.45
CA THR A 38 11.63 25.24 -9.55
C THR A 38 10.70 24.75 -8.40
N PHE A 39 9.50 25.37 -8.27
CA PHE A 39 8.54 25.10 -7.18
C PHE A 39 7.86 23.72 -7.22
N LYS A 40 8.01 22.98 -6.11
CA LYS A 40 7.43 21.66 -5.84
C LYS A 40 6.53 21.77 -4.59
N VAL A 41 5.35 21.12 -4.59
CA VAL A 41 4.45 21.10 -3.42
C VAL A 41 5.04 20.05 -2.46
N GLY A 42 5.07 18.80 -2.90
CA GLY A 42 5.67 17.68 -2.18
C GLY A 42 7.17 17.64 -2.47
N PRO A 43 7.94 16.68 -1.91
CA PRO A 43 9.40 16.69 -2.16
C PRO A 43 9.85 16.05 -3.47
N TYR A 44 9.23 14.90 -3.83
CA TYR A 44 9.59 14.10 -5.00
C TYR A 44 8.68 14.41 -6.21
N ASP A 45 8.01 15.56 -6.20
CA ASP A 45 7.10 15.99 -7.25
C ASP A 45 7.82 16.37 -8.55
N LEU A 46 7.33 15.84 -9.69
CA LEU A 46 7.88 16.15 -11.01
C LEU A 46 7.26 17.48 -11.52
N ILE A 47 8.05 18.28 -12.26
CA ILE A 47 7.60 19.59 -12.76
C ILE A 47 7.46 19.61 -14.30
N ASP A 48 6.24 19.92 -14.80
CA ASP A 48 5.94 20.02 -16.23
C ASP A 48 5.95 21.49 -16.63
N GLU A 49 6.77 21.84 -17.65
CA GLU A 49 6.95 23.21 -18.16
C GLU A 49 5.67 23.90 -18.65
N ASP A 50 4.76 23.13 -19.30
CA ASP A 50 3.48 23.62 -19.83
C ASP A 50 2.48 23.94 -18.72
N ILE A 51 2.42 23.07 -17.69
CA ILE A 51 1.56 23.24 -16.52
C ILE A 51 2.06 24.44 -15.74
N GLN A 52 3.39 24.55 -15.53
CA GLN A 52 4.01 25.66 -14.80
C GLN A 52 3.77 26.98 -15.49
N MET A 53 3.85 27.01 -16.85
CA MET A 53 3.62 28.21 -17.67
C MET A 53 2.27 28.85 -17.36
N LYS A 54 1.22 28.02 -17.36
CA LYS A 54 -0.14 28.41 -17.03
C LYS A 54 -0.24 28.95 -15.58
N ILE A 55 0.46 28.30 -14.61
CA ILE A 55 0.48 28.73 -13.20
C ILE A 55 1.15 30.12 -13.10
N LYS A 56 2.32 30.32 -13.80
CA LYS A 56 3.08 31.58 -13.89
C LYS A 56 2.17 32.69 -14.43
N ARG A 57 1.43 32.39 -15.52
CA ARG A 57 0.49 33.31 -16.15
C ARG A 57 -0.52 33.86 -15.16
N THR A 58 -1.16 32.97 -14.37
CA THR A 58 -2.17 33.36 -13.37
C THR A 58 -1.56 34.11 -12.18
N LEU A 59 -0.57 33.47 -11.53
CA LEU A 59 0.04 34.02 -10.33
C LEU A 59 0.85 35.30 -10.56
N TYR A 60 1.70 35.39 -11.60
CA TYR A 60 2.46 36.62 -11.84
C TYR A 60 1.58 37.78 -12.35
N SER A 61 0.44 37.48 -13.01
CA SER A 61 -0.52 38.49 -13.49
C SER A 61 -1.22 39.13 -12.31
N SER A 62 -1.76 38.29 -11.39
CA SER A 62 -2.46 38.72 -10.19
C SER A 62 -1.57 39.57 -9.26
N LEU A 63 -0.24 39.37 -9.32
CA LEU A 63 0.72 40.13 -8.52
C LEU A 63 1.38 41.27 -9.31
N ASP A 64 0.85 41.59 -10.50
CA ASP A 64 1.30 42.66 -11.40
C ASP A 64 2.80 42.58 -11.74
N TYR A 65 3.34 41.34 -11.79
CA TYR A 65 4.74 41.01 -12.09
C TYR A 65 5.75 41.72 -11.14
N LYS A 66 5.27 42.20 -9.97
CA LYS A 66 6.07 42.89 -8.95
C LYS A 66 6.93 41.87 -8.20
N LYS A 67 8.26 42.08 -8.20
CA LYS A 67 9.27 41.24 -7.56
C LYS A 67 8.99 41.06 -6.07
N GLU A 68 8.61 42.17 -5.39
CA GLU A 68 8.28 42.22 -3.96
C GLU A 68 7.15 41.24 -3.61
N ASN A 69 6.03 41.30 -4.35
CA ASN A 69 4.87 40.44 -4.17
C ASN A 69 5.16 38.99 -4.55
N ILE A 70 5.89 38.77 -5.67
CA ILE A 70 6.26 37.42 -6.14
C ILE A 70 7.11 36.71 -5.06
N GLU A 71 8.09 37.43 -4.47
CA GLU A 71 8.93 36.89 -3.40
C GLU A 71 8.11 36.60 -2.14
N LYS A 72 7.16 37.49 -1.80
CA LYS A 72 6.28 37.32 -0.65
C LYS A 72 5.39 36.09 -0.79
N LEU A 73 4.89 35.79 -2.02
CA LEU A 73 4.08 34.60 -2.28
C LEU A 73 4.94 33.34 -2.05
N LYS A 74 6.20 33.37 -2.54
CA LYS A 74 7.17 32.29 -2.39
C LYS A 74 7.31 31.96 -0.88
N GLU A 75 7.49 33.00 -0.04
CA GLU A 75 7.61 32.92 1.41
C GLU A 75 6.38 32.29 2.07
N ILE A 76 5.15 32.71 1.64
CA ILE A 76 3.86 32.20 2.14
C ILE A 76 3.75 30.70 1.88
N LEU A 77 3.95 30.29 0.61
CA LEU A 77 3.89 28.89 0.19
C LEU A 77 4.93 28.02 0.92
N GLU A 78 6.17 28.54 1.09
CA GLU A 78 7.26 27.87 1.82
C GLU A 78 6.88 27.59 3.27
N ILE A 79 6.20 28.55 3.95
CA ILE A 79 5.70 28.44 5.33
C ILE A 79 4.70 27.26 5.46
N LEU A 80 3.67 27.24 4.57
CA LEU A 80 2.62 26.21 4.56
C LEU A 80 3.15 24.83 4.16
N LYS A 81 4.19 24.80 3.28
CA LYS A 81 4.86 23.59 2.78
C LYS A 81 5.47 22.75 3.90
N LYS A 82 5.86 23.39 5.03
CA LYS A 82 6.45 22.75 6.21
C LYS A 82 5.56 21.65 6.79
N ASN A 83 4.24 21.90 6.86
CA ASN A 83 3.28 20.92 7.34
C ASN A 83 2.62 20.22 6.15
N SER A 84 2.74 18.88 6.08
CA SER A 84 2.17 18.04 5.03
C SER A 84 0.64 18.09 4.98
N GLU A 85 0.00 18.57 6.06
CA GLU A 85 -1.46 18.74 6.16
C GLU A 85 -1.95 19.88 5.24
N HIS A 86 -1.05 20.80 4.86
CA HIS A 86 -1.34 21.96 4.00
C HIS A 86 -1.09 21.68 2.52
N TYR A 87 -0.55 20.49 2.18
CA TYR A 87 -0.24 20.09 0.81
C TYR A 87 -1.45 20.13 -0.14
N ASN A 88 -2.63 19.72 0.35
CA ASN A 88 -3.87 19.72 -0.45
C ASN A 88 -4.33 21.12 -0.82
N ILE A 89 -4.41 22.05 0.17
CA ILE A 89 -4.88 23.42 -0.02
C ILE A 89 -3.92 24.24 -0.91
N ILE A 90 -2.59 23.94 -0.90
CA ILE A 90 -1.59 24.57 -1.77
C ILE A 90 -1.93 24.16 -3.23
N GLY A 91 -2.22 22.87 -3.43
CA GLY A 91 -2.62 22.29 -4.72
C GLY A 91 -3.91 22.86 -5.26
N ARG A 92 -4.87 23.19 -4.37
CA ARG A 92 -6.14 23.82 -4.73
C ARG A 92 -5.88 25.17 -5.41
N LEU A 93 -4.95 25.98 -4.85
CA LEU A 93 -4.55 27.26 -5.39
C LEU A 93 -3.67 27.12 -6.65
N ILE A 94 -2.59 26.32 -6.58
CA ILE A 94 -1.61 26.13 -7.65
C ILE A 94 -2.20 25.42 -8.88
N TYR A 95 -2.89 24.31 -8.68
CA TYR A 95 -3.38 23.53 -9.81
C TYR A 95 -4.82 23.81 -10.18
N HIS A 96 -5.79 23.43 -9.33
CA HIS A 96 -7.22 23.59 -9.60
C HIS A 96 -7.62 25.02 -10.00
N ILE A 97 -7.04 26.04 -9.34
CA ILE A 97 -7.37 27.43 -9.61
C ILE A 97 -6.41 28.07 -10.64
N SER A 98 -5.12 28.18 -10.32
CA SER A 98 -4.14 28.87 -11.16
C SER A 98 -3.95 28.23 -12.55
N TRP A 99 -3.78 26.90 -12.62
CA TRP A 99 -3.65 26.19 -13.90
C TRP A 99 -5.05 26.07 -14.57
N GLY A 100 -6.06 25.74 -13.76
CA GLY A 100 -7.46 25.56 -14.15
C GLY A 100 -8.05 26.70 -14.96
N ILE A 101 -7.80 27.95 -14.53
CA ILE A 101 -8.28 29.17 -15.20
C ILE A 101 -7.71 29.24 -16.62
N GLN A 102 -6.37 29.11 -16.74
CA GLN A 102 -5.64 29.20 -18.01
C GLN A 102 -6.01 28.11 -18.98
N PHE A 103 -6.33 26.92 -18.43
CA PHE A 103 -6.74 25.76 -19.20
C PHE A 103 -8.08 26.05 -19.90
N GLN A 104 -9.04 26.66 -19.16
CA GLN A 104 -10.35 27.08 -19.68
C GLN A 104 -10.20 28.18 -20.73
N ILE A 105 -9.29 29.15 -20.48
CA ILE A 105 -8.99 30.28 -21.37
C ILE A 105 -8.46 29.81 -22.73
N GLU A 106 -7.56 28.81 -22.72
CA GLU A 106 -6.96 28.23 -23.92
C GLU A 106 -8.06 27.60 -24.80
N GLN A 107 -8.96 26.80 -24.16
CA GLN A 107 -10.10 26.13 -24.78
C GLN A 107 -11.04 27.18 -25.43
N ASN A 108 -11.30 28.30 -24.72
CA ASN A 108 -12.14 29.41 -25.17
C ASN A 108 -11.51 30.15 -26.35
N LEU A 109 -10.19 30.38 -26.31
CA LEU A 109 -9.45 31.03 -27.39
C LEU A 109 -9.45 30.16 -28.64
N GLU A 110 -9.39 28.83 -28.44
CA GLU A 110 -9.37 27.87 -29.53
C GLU A 110 -10.69 27.86 -30.29
N LEU A 111 -11.83 27.93 -29.58
CA LEU A 111 -13.16 27.98 -30.21
C LEU A 111 -13.35 29.23 -31.09
N ILE A 112 -12.69 30.34 -30.72
CA ILE A 112 -12.70 31.60 -31.47
C ILE A 112 -11.77 31.44 -32.68
N GLN A 113 -10.56 30.89 -32.46
CA GLN A 113 -9.57 30.64 -33.53
C GLN A 113 -10.08 29.63 -34.58
N ASN A 114 -10.89 28.64 -34.15
CA ASN A 114 -11.51 27.62 -35.02
C ASN A 114 -12.50 28.25 -35.99
N GLY A 115 -13.19 29.27 -35.51
CA GLY A 115 -14.20 29.99 -36.27
C GLY A 115 -15.51 30.06 -35.54
N VAL A 116 -15.97 31.28 -35.25
CA VAL A 116 -17.24 31.58 -34.58
C VAL A 116 -18.44 31.15 -35.46
N GLU A 117 -18.23 31.11 -36.80
CA GLU A 117 -19.18 30.68 -37.82
C GLU A 117 -19.58 29.20 -37.68
N ASN A 118 -18.64 28.36 -37.18
CA ASN A 118 -18.82 26.92 -36.94
C ASN A 118 -19.54 26.64 -35.62
N LEU A 119 -20.14 27.69 -35.02
CA LEU A 119 -20.87 27.63 -33.75
C LEU A 119 -22.29 28.12 -33.92
N SER A 120 -23.26 27.40 -33.31
CA SER A 120 -24.68 27.73 -33.32
C SER A 120 -24.93 28.97 -32.44
N GLN A 121 -26.11 29.61 -32.57
CA GLN A 121 -26.48 30.79 -31.78
C GLN A 121 -26.43 30.50 -30.26
N GLU A 122 -26.73 29.25 -29.87
CA GLU A 122 -26.71 28.79 -28.48
C GLU A 122 -25.30 28.58 -27.96
N GLU A 123 -24.43 27.99 -28.81
CA GLU A 123 -23.01 27.74 -28.50
C GLU A 123 -22.27 29.06 -28.39
N SER A 124 -22.60 30.04 -29.27
CA SER A 124 -22.01 31.39 -29.31
C SER A 124 -22.34 32.15 -28.03
N LYS A 125 -23.60 32.04 -27.57
CA LYS A 125 -24.11 32.66 -26.35
C LYS A 125 -23.37 32.13 -25.12
N SER A 126 -23.22 30.80 -25.03
CA SER A 126 -22.55 30.12 -23.94
C SER A 126 -21.06 30.44 -23.88
N LEU A 127 -20.38 30.49 -25.04
CA LEU A 127 -18.96 30.82 -25.10
C LEU A 127 -18.68 32.21 -24.56
N LEU A 128 -19.50 33.21 -24.97
CA LEU A 128 -19.35 34.59 -24.49
C LEU A 128 -19.53 34.68 -22.97
N MET A 129 -20.54 33.96 -22.45
CA MET A 129 -20.85 33.87 -21.03
C MET A 129 -19.69 33.26 -20.27
N GLN A 130 -19.16 32.11 -20.76
CA GLN A 130 -18.00 31.38 -20.19
C GLN A 130 -16.76 32.27 -20.09
N ILE A 131 -16.41 33.00 -21.19
CA ILE A 131 -15.26 33.91 -21.25
C ILE A 131 -15.39 34.98 -20.18
N LYS A 132 -16.58 35.60 -20.06
CA LYS A 132 -16.86 36.62 -19.07
C LYS A 132 -16.74 36.09 -17.64
N SER A 133 -17.20 34.84 -17.39
CA SER A 133 -17.09 34.16 -16.09
C SER A 133 -15.63 33.93 -15.71
N ASN A 134 -14.80 33.49 -16.68
CA ASN A 134 -13.37 33.23 -16.49
C ASN A 134 -12.60 34.53 -16.22
N LEU A 135 -12.96 35.62 -16.95
CA LEU A 135 -12.34 36.93 -16.76
C LEU A 135 -12.69 37.50 -15.40
N GLU A 136 -13.93 37.23 -14.92
CA GLU A 136 -14.40 37.61 -13.59
C GLU A 136 -13.58 36.86 -12.53
N ILE A 137 -13.34 35.55 -12.73
CA ILE A 137 -12.53 34.72 -11.81
C ILE A 137 -11.09 35.25 -11.76
N LYS A 138 -10.48 35.55 -12.93
CA LYS A 138 -9.13 36.12 -13.03
C LYS A 138 -8.95 37.40 -12.17
N GLN A 139 -10.06 38.14 -11.94
CA GLN A 139 -10.13 39.34 -11.10
C GLN A 139 -10.38 38.95 -9.63
N ARG A 140 -11.33 38.02 -9.38
CA ARG A 140 -11.67 37.51 -8.05
C ARG A 140 -10.38 37.04 -7.35
N LEU A 141 -9.56 36.26 -8.07
CA LEU A 141 -8.28 35.73 -7.61
C LEU A 141 -7.29 36.84 -7.30
N LYS A 142 -7.16 37.82 -8.22
CA LYS A 142 -6.27 38.98 -8.05
C LYS A 142 -6.60 39.70 -6.73
N LYS A 143 -7.89 39.91 -6.44
CA LYS A 143 -8.37 40.57 -5.22
C LYS A 143 -8.18 39.71 -3.97
N THR A 144 -8.04 38.38 -4.14
CA THR A 144 -7.81 37.43 -3.04
C THR A 144 -6.33 37.40 -2.68
N LEU A 145 -5.41 37.34 -3.69
CA LEU A 145 -3.97 37.33 -3.46
C LEU A 145 -3.54 38.62 -2.77
N ASN A 146 -4.23 39.74 -3.08
CA ASN A 146 -4.00 41.05 -2.47
C ASN A 146 -4.27 40.99 -0.95
N GLU A 147 -5.37 40.33 -0.56
CA GLU A 147 -5.78 40.09 0.81
C GLU A 147 -4.77 39.12 1.48
N THR A 148 -4.28 38.09 0.73
CA THR A 148 -3.29 37.13 1.22
C THR A 148 -2.01 37.85 1.61
N LEU A 149 -1.52 38.76 0.73
CA LEU A 149 -0.33 39.58 0.96
C LEU A 149 -0.53 40.53 2.15
N LYS A 150 -1.75 41.08 2.31
CA LYS A 150 -2.10 41.97 3.41
C LYS A 150 -2.04 41.19 4.74
N VAL A 151 -2.54 39.94 4.75
CA VAL A 151 -2.53 39.06 5.92
C VAL A 151 -1.08 38.74 6.34
N TYR A 152 -0.23 38.40 5.36
CA TYR A 152 1.18 38.10 5.58
C TYR A 152 1.97 39.32 6.08
N ASN A 153 1.70 40.51 5.48
CA ASN A 153 2.35 41.76 5.87
C ASN A 153 1.97 42.17 7.28
N GLN A 154 0.67 41.98 7.65
CA GLN A 154 0.13 42.27 8.98
C GLN A 154 0.81 41.41 10.04
N ASN A 155 0.98 40.10 9.78
CA ASN A 155 1.64 39.15 10.68
C ASN A 155 3.11 39.52 10.95
N THR A 156 3.85 39.87 9.88
CA THR A 156 5.25 40.29 9.92
C THR A 156 5.39 41.53 10.85
N GLN A 157 4.50 42.51 10.66
CA GLN A 157 4.40 43.77 11.40
C GLN A 157 4.07 43.54 12.89
N ASP A 158 3.11 42.63 13.15
CA ASP A 158 2.68 42.24 14.49
C ASP A 158 3.81 41.59 15.26
N ASN A 159 4.61 40.72 14.59
CA ASN A 159 5.78 40.07 15.18
C ASN A 159 6.81 41.12 15.67
N GLU A 160 7.05 42.20 14.87
CA GLU A 160 7.97 43.28 15.27
C GLU A 160 7.43 44.01 16.52
N LYS A 161 6.14 44.35 16.53
CA LYS A 161 5.47 45.03 17.64
C LYS A 161 5.60 44.21 18.94
N ILE A 162 5.30 42.90 18.88
CA ILE A 162 5.36 41.96 20.02
C ILE A 162 6.80 41.83 20.56
N LEU A 163 7.79 41.64 19.67
CA LEU A 163 9.20 41.53 20.07
C LEU A 163 9.70 42.82 20.76
N ALA A 164 9.30 44.00 20.23
CA ALA A 164 9.68 45.29 20.78
C ALA A 164 9.10 45.50 22.17
N GLU A 165 7.79 45.22 22.36
CA GLU A 165 7.17 45.37 23.68
C GLU A 165 7.79 44.44 24.72
N HIS A 166 8.15 43.19 24.32
CA HIS A 166 8.84 42.21 25.16
C HIS A 166 10.22 42.75 25.58
N PHE A 167 10.98 43.31 24.63
CA PHE A 167 12.31 43.89 24.85
C PHE A 167 12.27 45.06 25.81
N ASN A 168 11.33 45.98 25.62
CA ASN A 168 11.18 47.15 26.49
C ASN A 168 10.73 46.76 27.89
N LYS A 169 9.96 45.66 28.01
CA LYS A 169 9.48 45.16 29.28
C LYS A 169 10.63 44.55 30.09
N TYR A 170 11.39 43.62 29.49
CA TYR A 170 12.43 42.86 30.18
C TYR A 170 13.87 43.37 30.07
N TYR A 171 14.26 44.12 29.02
CA TYR A 171 15.67 44.51 28.88
C TYR A 171 16.00 45.98 29.21
N LYS A 172 15.05 46.71 29.84
CA LYS A 172 15.23 48.09 30.30
C LYS A 172 16.50 48.18 31.19
N ASP A 173 16.66 47.24 32.16
CA ASP A 173 17.79 47.16 33.08
C ASP A 173 17.92 45.75 33.66
N PHE A 174 18.88 45.54 34.59
CA PHE A 174 19.11 44.27 35.29
C PHE A 174 17.89 43.88 36.15
N ASP A 175 17.24 44.88 36.75
CA ASP A 175 16.08 44.67 37.63
C ASP A 175 14.79 44.28 36.86
N THR A 176 14.70 44.54 35.54
CA THR A 176 13.52 44.17 34.73
C THR A 176 13.52 42.71 34.25
N LEU A 177 14.64 42.01 34.47
CA LEU A 177 14.84 40.61 34.10
C LEU A 177 13.87 39.71 34.88
N LYS A 178 13.61 38.50 34.34
CA LYS A 178 12.76 37.49 34.97
C LYS A 178 13.46 37.02 36.23
N PRO A 179 12.77 36.63 37.32
CA PRO A 179 13.48 36.12 38.50
C PRO A 179 14.24 34.81 38.23
N ALA A 180 15.30 34.53 39.03
CA ALA A 180 16.14 33.34 38.88
C ALA A 180 15.41 32.03 39.20
N GLU B 1 38.53 34.87 56.66
CA GLU B 1 38.28 33.47 56.99
C GLU B 1 36.97 33.24 57.80
N THR B 2 36.11 32.25 57.41
CA THR B 2 36.27 31.38 56.23
C THR B 2 35.71 32.00 54.95
N ILE B 3 35.52 33.32 54.92
CA ILE B 3 35.05 34.04 53.75
C ILE B 3 36.17 33.95 52.70
N ALA B 4 37.45 33.94 53.16
CA ALA B 4 38.64 33.79 52.33
C ALA B 4 38.69 32.43 51.63
N SER B 5 38.13 31.38 52.30
CA SER B 5 38.05 30.01 51.76
C SER B 5 36.95 29.95 50.70
N GLU B 6 35.81 30.62 50.97
CA GLU B 6 34.61 30.72 50.13
C GLU B 6 34.96 31.47 48.85
N LEU B 7 35.68 32.61 48.98
CA LEU B 7 36.09 33.47 47.88
C LEU B 7 37.04 32.76 46.92
N LYS B 8 38.08 32.08 47.45
CA LYS B 8 39.06 31.32 46.65
C LYS B 8 38.36 30.19 45.87
N ALA B 9 37.33 29.58 46.48
CA ALA B 9 36.53 28.51 45.90
C ALA B 9 35.62 29.04 44.80
N ILE B 10 34.91 30.16 45.07
CA ILE B 10 34.00 30.81 44.11
C ILE B 10 34.82 31.44 42.94
N GLY B 11 36.08 31.76 43.19
CA GLY B 11 37.01 32.31 42.19
C GLY B 11 37.49 31.24 41.22
N LYS B 12 37.76 30.03 41.76
CA LYS B 12 38.16 28.84 41.01
C LYS B 12 36.98 28.42 40.10
N GLU B 13 35.74 28.45 40.64
CA GLU B 13 34.47 28.13 39.98
C GLU B 13 34.26 29.03 38.75
N LEU B 14 34.45 30.36 38.94
CA LEU B 14 34.33 31.39 37.90
C LEU B 14 35.40 31.20 36.83
N GLU B 15 36.63 30.80 37.23
CA GLU B 15 37.73 30.58 36.29
C GLU B 15 37.52 29.34 35.42
N ASP B 16 36.82 28.32 35.96
CA ASP B 16 36.47 27.10 35.23
C ASP B 16 35.41 27.45 34.18
N GLN B 17 34.34 28.19 34.59
CA GLN B 17 33.24 28.69 33.76
C GLN B 17 33.80 29.43 32.54
N LYS B 18 34.83 30.29 32.78
CA LYS B 18 35.53 31.10 31.79
C LYS B 18 36.33 30.24 30.81
N LYS B 19 36.97 29.16 31.31
CA LYS B 19 37.77 28.24 30.51
C LYS B 19 36.90 27.39 29.58
N GLU B 20 35.77 26.87 30.11
CA GLU B 20 34.83 26.08 29.31
C GLU B 20 34.11 26.96 28.28
N GLU B 21 33.76 28.23 28.65
CA GLU B 21 33.10 29.12 27.69
C GLU B 21 34.07 29.51 26.56
N ASN B 22 35.37 29.71 26.87
CA ASN B 22 36.41 30.00 25.87
C ASN B 22 36.51 28.89 24.80
N ILE B 23 36.37 27.61 25.23
CA ILE B 23 36.42 26.44 24.35
C ILE B 23 35.14 26.39 23.50
N GLN B 24 33.98 26.49 24.15
CA GLN B 24 32.66 26.47 23.54
C GLN B 24 32.45 27.59 22.52
N ILE B 25 33.02 28.77 22.79
CA ILE B 25 32.97 29.94 21.89
C ILE B 25 33.85 29.69 20.65
N ALA B 26 35.06 29.10 20.87
CA ALA B 26 36.02 28.78 19.79
C ALA B 26 35.43 27.84 18.74
N LYS B 27 34.62 26.85 19.19
CA LYS B 27 33.96 25.88 18.31
C LYS B 27 32.88 26.55 17.44
N ILE B 28 32.11 27.53 18.01
CA ILE B 28 31.05 28.29 17.33
C ILE B 28 31.66 29.12 16.17
N ALA B 29 32.91 29.62 16.36
CA ALA B 29 33.65 30.40 15.35
C ALA B 29 34.12 29.49 14.21
N LYS B 30 34.43 28.22 14.53
CA LYS B 30 34.84 27.21 13.54
C LYS B 30 33.63 26.68 12.78
N GLU B 31 32.51 26.47 13.49
CA GLU B 31 31.24 25.98 12.92
C GLU B 31 30.45 27.10 12.19
N LYS B 32 31.08 28.29 12.07
CA LYS B 32 30.68 29.52 11.38
C LYS B 32 29.23 30.01 11.63
N PHE B 33 28.82 30.12 12.91
CA PHE B 33 27.52 30.69 13.28
C PHE B 33 27.65 31.72 14.43
N ASP B 34 28.87 32.29 14.55
CA ASP B 34 29.24 33.32 15.51
C ASP B 34 28.85 34.69 14.92
N PHE B 35 27.52 34.98 14.88
CA PHE B 35 26.97 36.22 14.31
C PHE B 35 27.44 37.47 15.02
N LEU B 36 27.74 37.37 16.33
CA LEU B 36 28.19 38.49 17.16
C LEU B 36 29.53 39.06 16.74
N SER B 37 30.36 38.27 16.03
CA SER B 37 31.65 38.72 15.49
C SER B 37 31.47 39.85 14.47
N THR B 38 30.36 39.79 13.69
CA THR B 38 29.99 40.73 12.62
C THR B 38 28.78 41.64 12.95
N PHE B 39 28.13 41.43 14.11
CA PHE B 39 26.91 42.15 14.53
C PHE B 39 27.11 43.64 14.91
N LYS B 40 26.37 44.50 14.17
CA LYS B 40 26.30 45.95 14.34
C LYS B 40 24.86 46.33 14.70
N VAL B 41 24.67 47.28 15.65
CA VAL B 41 23.33 47.77 16.01
C VAL B 41 22.92 48.77 14.91
N GLY B 42 23.68 49.85 14.80
CA GLY B 42 23.51 50.86 13.76
C GLY B 42 24.24 50.42 12.49
N PRO B 43 24.24 51.20 11.38
CA PRO B 43 24.92 50.72 10.15
C PRO B 43 26.44 50.96 10.10
N TYR B 44 26.88 52.13 10.54
CA TYR B 44 28.26 52.58 10.50
C TYR B 44 29.01 52.33 11.83
N ASP B 45 28.47 51.43 12.67
CA ASP B 45 29.03 51.11 13.98
C ASP B 45 30.32 50.32 13.89
N LEU B 46 31.36 50.74 14.64
CA LEU B 46 32.65 50.05 14.74
C LEU B 46 32.53 48.89 15.78
N ILE B 47 33.23 47.77 15.53
CA ILE B 47 33.17 46.59 16.39
C ILE B 47 34.52 46.32 17.12
N ASP B 48 34.49 46.30 18.48
CA ASP B 48 35.67 46.02 19.31
C ASP B 48 35.66 44.54 19.73
N GLU B 49 36.75 43.82 19.43
CA GLU B 49 36.91 42.38 19.71
C GLU B 49 36.74 42.00 21.20
N ASP B 50 37.26 42.85 22.12
CA ASP B 50 37.21 42.63 23.57
C ASP B 50 35.79 42.80 24.12
N ILE B 51 35.07 43.82 23.63
CA ILE B 51 33.69 44.12 24.00
C ILE B 51 32.81 42.98 23.48
N GLN B 52 33.02 42.55 22.22
CA GLN B 52 32.26 41.47 21.59
C GLN B 52 32.46 40.16 22.32
N MET B 53 33.71 39.86 22.76
CA MET B 53 34.06 38.65 23.49
C MET B 53 33.18 38.47 24.73
N LYS B 54 33.07 39.54 25.53
CA LYS B 54 32.23 39.59 26.71
C LYS B 54 30.74 39.37 26.37
N ILE B 55 30.25 39.98 25.25
CA ILE B 55 28.87 39.82 24.78
C ILE B 55 28.61 38.34 24.40
N LYS B 56 29.56 37.71 23.64
CA LYS B 56 29.53 36.30 23.21
C LYS B 56 29.45 35.40 24.44
N ARG B 57 30.28 35.68 25.48
CA ARG B 57 30.32 34.94 26.75
C ARG B 57 28.95 34.88 27.39
N THR B 58 28.26 36.05 27.51
CA THR B 58 26.93 36.13 28.12
C THR B 58 25.85 35.49 27.27
N LEU B 59 25.73 35.94 26.01
CA LEU B 59 24.69 35.48 25.11
C LEU B 59 24.80 34.00 24.70
N TYR B 60 26.00 33.50 24.33
CA TYR B 60 26.12 32.08 23.96
C TYR B 60 26.00 31.14 25.17
N SER B 61 26.33 31.61 26.39
CA SER B 61 26.18 30.83 27.63
C SER B 61 24.70 30.64 27.96
N SER B 62 23.93 31.74 27.92
CA SER B 62 22.50 31.77 28.20
C SER B 62 21.71 30.88 27.21
N LEU B 63 22.21 30.73 25.97
CA LEU B 63 21.57 29.91 24.95
C LEU B 63 22.13 28.49 24.87
N ASP B 64 23.00 28.12 25.85
CA ASP B 64 23.66 26.81 25.98
C ASP B 64 24.46 26.41 24.73
N TYR B 65 25.03 27.43 24.02
CA TYR B 65 25.83 27.30 22.81
C TYR B 65 25.11 26.54 21.67
N LYS B 66 23.75 26.43 21.76
CA LYS B 66 22.90 25.76 20.78
C LYS B 66 22.76 26.62 19.53
N LYS B 67 23.12 26.06 18.36
CA LYS B 67 23.09 26.69 17.04
C LYS B 67 21.70 27.22 16.71
N GLU B 68 20.65 26.42 17.01
CA GLU B 68 19.24 26.73 16.78
C GLU B 68 18.82 28.02 17.49
N ASN B 69 19.13 28.12 18.80
CA ASN B 69 18.83 29.29 19.62
C ASN B 69 19.67 30.50 19.23
N ILE B 70 20.97 30.30 18.94
CA ILE B 70 21.89 31.38 18.52
C ILE B 70 21.38 32.02 17.21
N GLU B 71 20.95 31.18 16.24
CA GLU B 71 20.37 31.66 14.97
C GLU B 71 19.06 32.41 15.20
N LYS B 72 18.20 31.89 16.10
CA LYS B 72 16.92 32.52 16.44
C LYS B 72 17.11 33.89 17.05
N LEU B 73 18.14 34.08 17.91
CA LEU B 73 18.46 35.37 18.51
C LEU B 73 18.87 36.36 17.42
N LYS B 74 19.71 35.89 16.46
CA LYS B 74 20.17 36.66 15.30
C LYS B 74 18.94 37.21 14.56
N GLU B 75 17.96 36.34 14.27
CA GLU B 75 16.70 36.66 13.58
C GLU B 75 15.87 37.72 14.34
N ILE B 76 15.75 37.60 15.69
CA ILE B 76 15.02 38.53 16.57
C ILE B 76 15.65 39.91 16.47
N LEU B 77 16.98 40.01 16.69
CA LEU B 77 17.72 41.26 16.65
C LEU B 77 17.64 41.92 15.26
N GLU B 78 17.75 41.12 14.17
CA GLU B 78 17.63 41.57 12.78
C GLU B 78 16.27 42.22 12.51
N ILE B 79 15.16 41.62 13.04
CA ILE B 79 13.79 42.12 12.93
C ILE B 79 13.67 43.54 13.56
N LEU B 80 14.13 43.68 14.83
CA LEU B 80 14.09 44.94 15.59
C LEU B 80 15.01 46.02 15.01
N LYS B 81 16.15 45.59 14.41
CA LYS B 81 17.14 46.45 13.77
C LYS B 81 16.57 47.30 12.63
N LYS B 82 15.51 46.80 11.96
CA LYS B 82 14.83 47.47 10.84
C LYS B 82 14.32 48.85 11.22
N ASN B 83 13.74 48.97 12.43
CA ASN B 83 13.25 50.26 12.93
C ASN B 83 14.29 50.87 13.87
N SER B 84 14.76 52.09 13.54
CA SER B 84 15.76 52.84 14.32
C SER B 84 15.28 53.19 15.74
N GLU B 85 13.95 53.11 16.00
CA GLU B 85 13.34 53.35 17.31
C GLU B 85 13.72 52.22 18.31
N HIS B 86 14.09 51.04 17.80
CA HIS B 86 14.46 49.88 18.61
C HIS B 86 15.97 49.78 18.89
N TYR B 87 16.77 50.70 18.32
CA TYR B 87 18.23 50.75 18.49
C TYR B 87 18.69 50.85 19.95
N ASN B 88 17.97 51.65 20.77
CA ASN B 88 18.31 51.84 22.18
C ASN B 88 18.13 50.56 23.01
N ILE B 89 16.95 49.91 22.88
CA ILE B 89 16.60 48.70 23.63
C ILE B 89 17.50 47.50 23.26
N ILE B 90 17.99 47.43 21.99
CA ILE B 90 18.94 46.40 21.54
C ILE B 90 20.27 46.61 22.33
N GLY B 91 20.70 47.88 22.42
CA GLY B 91 21.90 48.30 23.15
C GLY B 91 21.83 48.00 24.65
N ARG B 92 20.62 48.12 25.23
CA ARG B 92 20.37 47.81 26.66
C ARG B 92 20.72 46.35 26.93
N LEU B 93 20.29 45.44 26.03
CA LEU B 93 20.56 44.01 26.12
C LEU B 93 22.04 43.68 25.78
N ILE B 94 22.52 44.15 24.61
CA ILE B 94 23.86 43.87 24.09
C ILE B 94 24.98 44.48 24.95
N TYR B 95 24.87 45.76 25.29
CA TYR B 95 25.95 46.41 26.01
C TYR B 95 25.75 46.48 27.52
N HIS B 96 24.76 47.26 27.99
CA HIS B 96 24.49 47.45 29.42
C HIS B 96 24.36 46.14 30.22
N ILE B 97 23.67 45.14 29.64
CA ILE B 97 23.44 43.86 30.32
C ILE B 97 24.51 42.81 29.96
N SER B 98 24.61 42.41 28.68
CA SER B 98 25.51 41.34 28.24
C SER B 98 27.00 41.64 28.46
N TRP B 99 27.47 42.84 28.09
CA TRP B 99 28.86 43.23 28.32
C TRP B 99 29.06 43.60 29.81
N GLY B 100 28.08 44.34 30.37
CA GLY B 100 28.07 44.82 31.75
C GLY B 100 28.29 43.75 32.80
N ILE B 101 27.64 42.58 32.66
CA ILE B 101 27.78 41.44 33.57
C ILE B 101 29.23 40.95 33.60
N GLN B 102 29.81 40.69 32.40
CA GLN B 102 31.16 40.17 32.23
C GLN B 102 32.22 41.11 32.73
N PHE B 103 31.95 42.41 32.59
CA PHE B 103 32.82 43.48 33.04
C PHE B 103 32.96 43.43 34.57
N GLN B 104 31.81 43.27 35.27
CA GLN B 104 31.74 43.14 36.74
C GLN B 104 32.44 41.87 37.21
N ILE B 105 32.23 40.73 36.49
CA ILE B 105 32.84 39.42 36.77
C ILE B 105 34.37 39.47 36.71
N GLU B 106 34.93 40.17 35.69
CA GLU B 106 36.36 40.34 35.50
C GLU B 106 36.98 41.08 36.70
N GLN B 107 36.31 42.19 37.14
CA GLN B 107 36.70 43.02 38.29
C GLN B 107 36.70 42.16 39.57
N ASN B 108 35.66 41.30 39.74
CA ASN B 108 35.51 40.38 40.88
C ASN B 108 36.59 39.31 40.90
N LEU B 109 36.92 38.73 39.72
CA LEU B 109 37.97 37.73 39.57
C LEU B 109 39.33 38.33 39.89
N GLU B 110 39.53 39.59 39.51
CA GLU B 110 40.78 40.30 39.73
C GLU B 110 41.04 40.51 41.21
N LEU B 111 40.00 40.88 42.00
CA LEU B 111 40.13 41.08 43.45
C LEU B 111 40.54 39.80 44.18
N ILE B 112 40.11 38.63 43.65
CA ILE B 112 40.46 37.31 44.17
C ILE B 112 41.90 36.98 43.76
N GLN B 113 42.24 37.21 42.47
CA GLN B 113 43.59 36.97 41.93
C GLN B 113 44.65 37.85 42.62
N ASN B 114 44.27 39.11 42.99
CA ASN B 114 45.13 40.09 43.68
C ASN B 114 45.51 39.60 45.07
N GLY B 115 44.58 38.89 45.71
CA GLY B 115 44.76 38.34 47.03
C GLY B 115 43.66 38.77 47.96
N VAL B 116 42.93 37.78 48.49
CA VAL B 116 41.84 37.96 49.45
C VAL B 116 42.37 38.51 50.80
N GLU B 117 43.67 38.26 51.09
CA GLU B 117 44.42 38.72 52.26
C GLU B 117 44.54 40.26 52.29
N ASN B 118 44.61 40.89 51.09
CA ASN B 118 44.73 42.35 50.90
C ASN B 118 43.35 43.04 51.01
N LEU B 119 42.34 42.32 51.54
CA LEU B 119 40.98 42.79 51.72
C LEU B 119 40.54 42.67 53.18
N SER B 120 39.87 43.72 53.69
CA SER B 120 39.34 43.79 55.05
C SER B 120 38.12 42.87 55.17
N GLN B 121 37.67 42.56 56.41
CA GLN B 121 36.49 41.71 56.67
C GLN B 121 35.23 42.25 55.95
N GLU B 122 35.08 43.58 55.91
CA GLU B 122 33.96 44.27 55.25
C GLU B 122 34.03 44.18 53.73
N GLU B 123 35.24 44.36 53.16
CA GLU B 123 35.50 44.27 51.72
C GLU B 123 35.28 42.83 51.24
N SER B 124 35.71 41.83 52.06
CA SER B 124 35.58 40.40 51.80
C SER B 124 34.10 39.99 51.75
N LYS B 125 33.30 40.53 52.70
CA LYS B 125 31.87 40.30 52.82
C LYS B 125 31.12 40.83 51.58
N SER B 126 31.46 42.08 51.17
CA SER B 126 30.86 42.75 50.01
C SER B 126 31.20 42.05 48.70
N LEU B 127 32.46 41.60 48.54
CA LEU B 127 32.88 40.90 47.32
C LEU B 127 32.11 39.61 47.12
N LEU B 128 31.94 38.81 48.19
CA LEU B 128 31.18 37.55 48.13
C LEU B 128 29.72 37.81 47.75
N MET B 129 29.12 38.85 48.34
CA MET B 129 27.75 39.28 48.07
C MET B 129 27.62 39.70 46.60
N GLN B 130 28.55 40.55 46.10
CA GLN B 130 28.60 41.04 44.71
C GLN B 130 28.66 39.88 43.71
N ILE B 131 29.58 38.91 43.93
CA ILE B 131 29.76 37.73 43.07
C ILE B 131 28.45 36.95 42.97
N LYS B 132 27.80 36.72 44.13
CA LYS B 132 26.54 36.00 44.20
C LYS B 132 25.44 36.75 43.45
N SER B 133 25.40 38.09 43.55
CA SER B 133 24.43 38.95 42.84
C SER B 133 24.62 38.85 41.33
N ASN B 134 25.88 38.87 40.86
CA ASN B 134 26.24 38.76 39.45
C ASN B 134 25.89 37.36 38.89
N LEU B 135 26.15 36.30 39.68
CA LEU B 135 25.83 34.93 39.29
C LEU B 135 24.32 34.75 39.20
N GLU B 136 23.56 35.43 40.09
CA GLU B 136 22.10 35.43 40.09
C GLU B 136 21.60 36.13 38.82
N ILE B 137 22.22 37.28 38.44
CA ILE B 137 21.86 38.00 37.21
C ILE B 137 22.10 37.12 35.96
N LYS B 138 23.26 36.43 35.87
CA LYS B 138 23.60 35.51 34.79
C LYS B 138 22.52 34.44 34.59
N GLN B 139 21.80 34.04 35.66
CA GLN B 139 20.68 33.10 35.65
C GLN B 139 19.39 33.82 35.26
N ARG B 140 19.13 35.00 35.85
CA ARG B 140 17.95 35.83 35.55
C ARG B 140 17.85 36.05 34.05
N LEU B 141 18.98 36.43 33.42
CA LEU B 141 19.09 36.67 31.98
C LEU B 141 18.82 35.41 31.19
N LYS B 142 19.42 34.27 31.59
CA LYS B 142 19.22 32.98 30.94
C LYS B 142 17.72 32.64 30.88
N LYS B 143 16.99 32.86 31.99
CA LYS B 143 15.55 32.61 32.08
C LYS B 143 14.71 33.62 31.28
N THR B 144 15.29 34.80 30.96
CA THR B 144 14.64 35.84 30.16
C THR B 144 14.78 35.53 28.67
N LEU B 145 16.01 35.15 28.21
CA LEU B 145 16.26 34.78 26.82
C LEU B 145 15.41 33.59 26.42
N ASN B 146 15.15 32.67 27.37
CA ASN B 146 14.30 31.50 27.18
C ASN B 146 12.87 31.92 26.84
N GLU B 147 12.35 32.93 27.56
CA GLU B 147 11.03 33.53 27.35
C GLU B 147 11.03 34.29 26.00
N THR B 148 12.12 35.02 25.68
CA THR B 148 12.29 35.74 24.41
C THR B 148 12.14 34.76 23.23
N LEU B 149 12.82 33.59 23.30
CA LEU B 149 12.77 32.54 22.28
C LEU B 149 11.38 31.91 22.20
N LYS B 150 10.70 31.77 23.34
CA LYS B 150 9.35 31.23 23.43
C LYS B 150 8.36 32.19 22.76
N VAL B 151 8.54 33.52 22.96
CA VAL B 151 7.71 34.56 22.35
C VAL B 151 7.88 34.54 20.83
N TYR B 152 9.13 34.44 20.33
CA TYR B 152 9.45 34.39 18.91
C TYR B 152 8.89 33.11 18.25
N ASN B 153 9.04 31.96 18.93
CA ASN B 153 8.53 30.67 18.44
C ASN B 153 7.00 30.67 18.35
N GLN B 154 6.33 31.27 19.36
CA GLN B 154 4.87 31.40 19.42
C GLN B 154 4.35 32.24 18.26
N ASN B 155 5.01 33.36 17.95
CA ASN B 155 4.65 34.26 16.84
C ASN B 155 4.76 33.57 15.48
N THR B 156 5.87 32.81 15.26
CA THR B 156 6.13 32.03 14.05
C THR B 156 5.00 31.01 13.82
N GLN B 157 4.62 30.30 14.90
CA GLN B 157 3.57 29.29 14.95
C GLN B 157 2.19 29.89 14.67
N ASP B 158 1.89 31.06 15.27
CA ASP B 158 0.64 31.80 15.09
C ASP B 158 0.48 32.25 13.64
N ASN B 159 1.59 32.73 13.02
CA ASN B 159 1.61 33.14 11.61
C ASN B 159 1.23 31.96 10.69
N GLU B 160 1.74 30.74 10.97
CA GLU B 160 1.39 29.53 10.20
C GLU B 160 -0.12 29.22 10.32
N LYS B 161 -0.65 29.26 11.56
CA LYS B 161 -2.07 29.02 11.85
C LYS B 161 -2.97 29.99 11.07
N ILE B 162 -2.64 31.30 11.13
CA ILE B 162 -3.40 32.37 10.46
C ILE B 162 -3.37 32.21 8.93
N LEU B 163 -2.18 31.96 8.34
CA LEU B 163 -2.04 31.74 6.89
C LEU B 163 -2.85 30.51 6.41
N ALA B 164 -2.84 29.42 7.22
CA ALA B 164 -3.59 28.19 6.94
C ALA B 164 -5.09 28.46 6.90
N GLU B 165 -5.65 29.10 7.96
CA GLU B 165 -7.10 29.40 8.02
C GLU B 165 -7.53 30.33 6.88
N HIS B 166 -6.67 31.29 6.47
CA HIS B 166 -6.90 32.20 5.34
C HIS B 166 -7.00 31.40 4.03
N PHE B 167 -6.05 30.45 3.83
CA PHE B 167 -6.00 29.60 2.65
C PHE B 167 -7.20 28.69 2.53
N ASN B 168 -7.61 28.04 3.63
CA ASN B 168 -8.77 27.16 3.66
C ASN B 168 -10.08 27.93 3.47
N LYS B 169 -10.10 29.21 3.90
CA LYS B 169 -11.27 30.07 3.75
C LYS B 169 -11.45 30.47 2.28
N TYR B 170 -10.40 31.02 1.65
CA TYR B 170 -10.46 31.56 0.30
C TYR B 170 -10.04 30.65 -0.87
N TYR B 171 -9.19 29.64 -0.66
CA TYR B 171 -8.71 28.85 -1.82
C TYR B 171 -9.31 27.44 -1.95
N LYS B 172 -10.39 27.14 -1.18
CA LYS B 172 -11.13 25.87 -1.26
C LYS B 172 -11.57 25.59 -2.71
N ASP B 173 -12.12 26.60 -3.41
CA ASP B 173 -12.58 26.52 -4.80
C ASP B 173 -12.65 27.92 -5.42
N PHE B 174 -13.14 28.00 -6.68
CA PHE B 174 -13.34 29.26 -7.41
C PHE B 174 -14.38 30.15 -6.71
N ASP B 175 -15.43 29.53 -6.15
CA ASP B 175 -16.51 30.24 -5.46
C ASP B 175 -16.11 30.85 -4.10
N THR B 176 -15.02 30.39 -3.47
CA THR B 176 -14.56 30.91 -2.17
C THR B 176 -13.69 32.20 -2.31
N LEU B 177 -13.40 32.61 -3.55
CA LEU B 177 -12.62 33.81 -3.88
C LEU B 177 -13.42 35.08 -3.55
N LYS B 178 -12.74 36.24 -3.43
CA LYS B 178 -13.40 37.52 -3.12
C LYS B 178 -14.20 38.06 -4.32
N PRO B 179 -15.54 38.26 -4.19
CA PRO B 179 -16.30 38.79 -5.33
C PRO B 179 -16.04 40.27 -5.61
N ALA B 180 -16.11 40.67 -6.90
CA ALA B 180 -15.87 42.05 -7.35
C ALA B 180 -17.01 42.97 -6.98
N GLU C 1 9.93 -81.88 -30.51
CA GLU C 1 10.45 -82.38 -29.23
C GLU C 1 11.89 -81.88 -28.93
N THR C 2 12.18 -81.37 -27.69
CA THR C 2 11.23 -81.20 -26.59
C THR C 2 10.50 -79.87 -26.66
N ILE C 3 10.49 -79.23 -27.84
CA ILE C 3 9.76 -77.96 -28.05
C ILE C 3 8.26 -78.30 -27.93
N ALA C 4 7.86 -79.51 -28.38
CA ALA C 4 6.49 -80.03 -28.32
C ALA C 4 6.04 -80.20 -26.86
N SER C 5 6.97 -80.54 -25.95
CA SER C 5 6.71 -80.72 -24.51
C SER C 5 6.58 -79.34 -23.85
N GLU C 6 7.44 -78.38 -24.26
CA GLU C 6 7.51 -77.00 -23.80
C GLU C 6 6.23 -76.27 -24.19
N LEU C 7 5.78 -76.44 -25.45
CA LEU C 7 4.57 -75.83 -26.02
C LEU C 7 3.29 -76.30 -25.33
N LYS C 8 3.13 -77.63 -25.12
CA LYS C 8 1.98 -78.21 -24.43
C LYS C 8 1.91 -77.73 -22.97
N ALA C 9 3.08 -77.51 -22.32
CA ALA C 9 3.20 -77.01 -20.96
C ALA C 9 2.88 -75.53 -20.87
N ILE C 10 3.40 -74.71 -21.83
CA ILE C 10 3.14 -73.26 -21.89
C ILE C 10 1.67 -73.00 -22.30
N GLY C 11 1.06 -73.97 -23.01
CA GLY C 11 -0.35 -73.91 -23.44
C GLY C 11 -1.29 -74.17 -22.28
N LYS C 12 -0.91 -75.12 -21.39
CA LYS C 12 -1.63 -75.46 -20.16
C LYS C 12 -1.58 -74.26 -19.20
N GLU C 13 -0.40 -73.61 -19.11
CA GLU C 13 -0.09 -72.43 -18.30
C GLU C 13 -1.02 -71.27 -18.70
N LEU C 14 -1.13 -70.99 -20.03
CA LEU C 14 -1.98 -69.95 -20.62
C LEU C 14 -3.45 -70.25 -20.39
N GLU C 15 -3.84 -71.54 -20.44
CA GLU C 15 -5.23 -71.96 -20.23
C GLU C 15 -5.66 -71.79 -18.77
N ASP C 16 -4.70 -71.92 -17.83
CA ASP C 16 -4.92 -71.72 -16.39
C ASP C 16 -5.14 -70.22 -16.14
N GLN C 17 -4.24 -69.36 -16.69
CA GLN C 17 -4.28 -67.89 -16.64
C GLN C 17 -5.64 -67.40 -17.09
N LYS C 18 -6.18 -68.00 -18.17
CA LYS C 18 -7.47 -67.69 -18.80
C LYS C 18 -8.64 -68.10 -17.92
N LYS C 19 -8.54 -69.25 -17.25
CA LYS C 19 -9.57 -69.78 -16.35
C LYS C 19 -9.69 -68.95 -15.08
N GLU C 20 -8.55 -68.58 -14.47
CA GLU C 20 -8.52 -67.75 -13.27
C GLU C 20 -8.99 -66.33 -13.58
N GLU C 21 -8.61 -65.76 -14.77
CA GLU C 21 -9.03 -64.41 -15.13
C GLU C 21 -10.55 -64.38 -15.39
N ASN C 22 -11.11 -65.45 -16.00
CA ASN C 22 -12.56 -65.58 -16.23
C ASN C 22 -13.36 -65.51 -14.92
N ILE C 23 -12.84 -66.14 -13.85
CA ILE C 23 -13.44 -66.16 -12.51
C ILE C 23 -13.34 -64.77 -11.87
N GLN C 24 -12.12 -64.20 -11.86
CA GLN C 24 -11.79 -62.90 -11.30
C GLN C 24 -12.56 -61.77 -11.97
N ILE C 25 -12.81 -61.88 -13.29
CA ILE C 25 -13.58 -60.89 -14.07
C ILE C 25 -15.08 -60.99 -13.71
N ALA C 26 -15.60 -62.23 -13.52
CA ALA C 26 -16.99 -62.50 -13.15
C ALA C 26 -17.38 -61.86 -11.81
N LYS C 27 -16.45 -61.87 -10.83
CA LYS C 27 -16.66 -61.27 -9.51
C LYS C 27 -16.72 -59.74 -9.59
N ILE C 28 -15.89 -59.11 -10.45
CA ILE C 28 -15.83 -57.66 -10.69
C ILE C 28 -17.18 -57.16 -11.27
N ALA C 29 -17.83 -57.99 -12.12
CA ALA C 29 -19.13 -57.71 -12.72
C ALA C 29 -20.26 -57.75 -11.68
N LYS C 30 -20.12 -58.63 -10.65
CA LYS C 30 -21.07 -58.75 -9.55
C LYS C 30 -20.85 -57.65 -8.52
N GLU C 31 -19.58 -57.31 -8.24
CA GLU C 31 -19.18 -56.26 -7.30
C GLU C 31 -19.34 -54.84 -7.90
N LYS C 32 -19.95 -54.77 -9.10
CA LYS C 32 -20.36 -53.62 -9.92
C LYS C 32 -19.31 -52.48 -10.10
N PHE C 33 -18.05 -52.84 -10.42
CA PHE C 33 -17.01 -51.85 -10.70
C PHE C 33 -16.28 -52.18 -12.03
N ASP C 34 -16.99 -52.91 -12.92
CA ASP C 34 -16.53 -53.32 -14.24
C ASP C 34 -16.88 -52.16 -15.20
N PHE C 35 -16.11 -51.05 -15.13
CA PHE C 35 -16.33 -49.83 -15.93
C PHE C 35 -16.18 -50.06 -17.42
N LEU C 36 -15.32 -51.02 -17.82
CA LEU C 36 -15.05 -51.36 -19.22
C LEU C 36 -16.27 -51.89 -19.95
N SER C 37 -17.26 -52.44 -19.22
CA SER C 37 -18.50 -52.95 -19.81
C SER C 37 -19.30 -51.80 -20.47
N THR C 38 -19.23 -50.59 -19.87
CA THR C 38 -19.93 -49.37 -20.29
C THR C 38 -19.02 -48.27 -20.89
N PHE C 39 -17.68 -48.49 -20.88
CA PHE C 39 -16.69 -47.50 -21.33
C PHE C 39 -16.66 -47.25 -22.85
N LYS C 40 -16.84 -45.96 -23.20
CA LYS C 40 -16.81 -45.40 -24.56
C LYS C 40 -15.66 -44.38 -24.64
N VAL C 41 -14.88 -44.39 -25.76
CA VAL C 41 -13.81 -43.41 -25.99
C VAL C 41 -14.51 -42.11 -26.45
N GLY C 42 -15.17 -42.18 -27.61
CA GLY C 42 -15.97 -41.10 -28.17
C GLY C 42 -17.36 -41.12 -27.56
N PRO C 43 -18.29 -40.20 -27.94
CA PRO C 43 -19.61 -40.21 -27.28
C PRO C 43 -20.62 -41.23 -27.84
N TYR C 44 -20.67 -41.34 -29.17
CA TYR C 44 -21.63 -42.19 -29.88
C TYR C 44 -21.03 -43.55 -30.28
N ASP C 45 -19.94 -43.97 -29.60
CA ASP C 45 -19.26 -45.22 -29.86
C ASP C 45 -20.06 -46.45 -29.42
N LEU C 46 -20.21 -47.45 -30.31
CA LEU C 46 -20.90 -48.71 -30.01
C LEU C 46 -19.88 -49.66 -29.33
N ILE C 47 -20.36 -50.50 -28.39
CA ILE C 47 -19.49 -51.40 -27.61
C ILE C 47 -19.71 -52.90 -27.95
N ASP C 48 -18.62 -53.60 -28.37
CA ASP C 48 -18.65 -55.04 -28.70
C ASP C 48 -18.19 -55.85 -27.49
N GLU C 49 -19.02 -56.82 -27.04
CA GLU C 49 -18.78 -57.67 -25.87
C GLU C 49 -17.49 -58.52 -25.96
N ASP C 50 -17.17 -59.04 -27.17
CA ASP C 50 -15.97 -59.86 -27.42
C ASP C 50 -14.68 -59.04 -27.34
N ILE C 51 -14.71 -57.82 -27.92
CA ILE C 51 -13.60 -56.87 -27.91
C ILE C 51 -13.36 -56.42 -26.48
N GLN C 52 -14.45 -56.06 -25.75
CA GLN C 52 -14.37 -55.61 -24.37
C GLN C 52 -13.83 -56.67 -23.45
N MET C 53 -14.21 -57.96 -23.67
CA MET C 53 -13.75 -59.10 -22.88
C MET C 53 -12.23 -59.19 -22.86
N LYS C 54 -11.62 -59.11 -24.05
CA LYS C 54 -10.18 -59.11 -24.25
C LYS C 54 -9.51 -57.91 -23.54
N ILE C 55 -10.13 -56.70 -23.62
CA ILE C 55 -9.63 -55.48 -22.96
C ILE C 55 -9.65 -55.67 -21.43
N LYS C 56 -10.76 -56.22 -20.87
CA LYS C 56 -10.97 -56.53 -19.45
C LYS C 56 -9.87 -57.49 -18.97
N ARG C 57 -9.60 -58.55 -19.76
CA ARG C 57 -8.57 -59.55 -19.49
C ARG C 57 -7.21 -58.91 -19.29
N THR C 58 -6.79 -58.01 -20.20
CA THR C 58 -5.50 -57.32 -20.12
C THR C 58 -5.44 -56.32 -18.98
N LEU C 59 -6.38 -55.37 -18.97
CA LEU C 59 -6.40 -54.28 -18.01
C LEU C 59 -6.66 -54.72 -16.56
N TYR C 60 -7.65 -55.61 -16.30
CA TYR C 60 -7.89 -56.07 -14.93
C TYR C 60 -6.78 -56.98 -14.39
N SER C 61 -6.07 -57.71 -15.29
CA SER C 61 -4.95 -58.58 -14.92
C SER C 61 -3.77 -57.76 -14.45
N SER C 62 -3.41 -56.73 -15.25
CA SER C 62 -2.31 -55.80 -14.98
C SER C 62 -2.52 -55.02 -13.67
N LEU C 63 -3.79 -54.80 -13.28
CA LEU C 63 -4.14 -54.09 -12.05
C LEU C 63 -4.44 -55.04 -10.87
N ASP C 64 -4.16 -56.35 -11.05
CA ASP C 64 -4.36 -57.44 -10.07
C ASP C 64 -5.79 -57.51 -9.54
N TYR C 65 -6.77 -57.14 -10.38
CA TYR C 65 -8.22 -57.12 -10.10
C TYR C 65 -8.59 -56.28 -8.85
N LYS C 66 -7.69 -55.37 -8.44
CA LYS C 66 -7.86 -54.47 -7.29
C LYS C 66 -8.83 -53.35 -7.66
N LYS C 67 -9.92 -53.22 -6.87
CA LYS C 67 -10.98 -52.21 -7.04
C LYS C 67 -10.42 -50.80 -7.03
N GLU C 68 -9.46 -50.52 -6.11
CA GLU C 68 -8.79 -49.22 -5.96
C GLU C 68 -8.09 -48.79 -7.25
N ASN C 69 -7.28 -49.69 -7.84
CA ASN C 69 -6.54 -49.45 -9.09
C ASN C 69 -7.47 -49.36 -10.29
N ILE C 70 -8.49 -50.26 -10.37
CA ILE C 70 -9.47 -50.27 -11.46
C ILE C 70 -10.25 -48.93 -11.49
N GLU C 71 -10.67 -48.42 -10.32
CA GLU C 71 -11.35 -47.14 -10.20
C GLU C 71 -10.43 -45.97 -10.60
N LYS C 72 -9.15 -46.04 -10.18
CA LYS C 72 -8.17 -45.02 -10.51
C LYS C 72 -7.91 -44.93 -12.01
N LEU C 73 -7.90 -46.09 -12.72
CA LEU C 73 -7.72 -46.13 -14.17
C LEU C 73 -8.93 -45.46 -14.85
N LYS C 74 -10.15 -45.74 -14.34
CA LYS C 74 -11.40 -45.15 -14.81
C LYS C 74 -11.27 -43.62 -14.75
N GLU C 75 -10.79 -43.08 -13.61
CA GLU C 75 -10.57 -41.66 -13.36
C GLU C 75 -9.57 -41.04 -14.34
N ILE C 76 -8.43 -41.73 -14.60
CA ILE C 76 -7.37 -41.29 -15.53
C ILE C 76 -7.96 -41.14 -16.94
N LEU C 77 -8.63 -42.20 -17.45
CA LEU C 77 -9.25 -42.23 -18.78
C LEU C 77 -10.32 -41.15 -18.93
N GLU C 78 -11.16 -40.95 -17.88
CA GLU C 78 -12.20 -39.91 -17.83
C GLU C 78 -11.62 -38.51 -17.97
N ILE C 79 -10.46 -38.23 -17.32
CA ILE C 79 -9.72 -36.95 -17.38
C ILE C 79 -9.28 -36.65 -18.84
N LEU C 80 -8.61 -37.62 -19.48
CA LEU C 80 -8.11 -37.50 -20.87
C LEU C 80 -9.24 -37.43 -21.91
N LYS C 81 -10.38 -38.11 -21.63
CA LYS C 81 -11.58 -38.16 -22.46
C LYS C 81 -12.20 -36.78 -22.70
N LYS C 82 -12.00 -35.84 -21.76
CA LYS C 82 -12.51 -34.46 -21.82
C LYS C 82 -12.02 -33.73 -23.08
N ASN C 83 -10.74 -33.90 -23.43
CA ASN C 83 -10.16 -33.31 -24.63
C ASN C 83 -10.14 -34.35 -25.76
N SER C 84 -10.81 -34.01 -26.89
CA SER C 84 -10.90 -34.86 -28.08
C SER C 84 -9.53 -35.14 -28.73
N GLU C 85 -8.50 -34.33 -28.39
CA GLU C 85 -7.12 -34.48 -28.89
C GLU C 85 -6.47 -35.75 -28.31
N HIS C 86 -6.97 -36.24 -27.15
CA HIS C 86 -6.45 -37.41 -26.45
C HIS C 86 -7.15 -38.72 -26.85
N TYR C 87 -8.19 -38.64 -27.71
CA TYR C 87 -8.97 -39.78 -28.18
C TYR C 87 -8.13 -40.88 -28.87
N ASN C 88 -7.11 -40.48 -29.65
CA ASN C 88 -6.23 -41.42 -30.36
C ASN C 88 -5.36 -42.23 -29.41
N ILE C 89 -4.67 -41.56 -28.44
CA ILE C 89 -3.77 -42.22 -27.49
C ILE C 89 -4.52 -43.14 -26.51
N ILE C 90 -5.81 -42.85 -26.20
CA ILE C 90 -6.66 -43.72 -25.37
C ILE C 90 -6.89 -45.03 -26.16
N GLY C 91 -7.19 -44.91 -27.45
CA GLY C 91 -7.40 -46.02 -28.37
C GLY C 91 -6.18 -46.90 -28.56
N ARG C 92 -4.97 -46.28 -28.53
CA ARG C 92 -3.67 -46.99 -28.63
C ARG C 92 -3.54 -47.98 -27.46
N LEU C 93 -3.90 -47.54 -26.24
CA LEU C 93 -3.87 -48.36 -25.04
C LEU C 93 -5.01 -49.39 -25.00
N ILE C 94 -6.26 -48.94 -25.19
CA ILE C 94 -7.47 -49.75 -25.11
C ILE C 94 -7.56 -50.82 -26.23
N TYR C 95 -7.34 -50.42 -27.48
CA TYR C 95 -7.51 -51.35 -28.58
C TYR C 95 -6.22 -51.99 -29.06
N HIS C 96 -5.32 -51.20 -29.66
CA HIS C 96 -4.07 -51.71 -30.21
C HIS C 96 -3.23 -52.55 -29.22
N ILE C 97 -3.14 -52.10 -27.96
CA ILE C 97 -2.34 -52.81 -26.95
C ILE C 97 -3.18 -53.84 -26.14
N SER C 98 -4.20 -53.39 -25.40
CA SER C 98 -5.00 -54.25 -24.53
C SER C 98 -5.76 -55.35 -25.26
N TRP C 99 -6.45 -55.03 -26.37
CA TRP C 99 -7.16 -56.03 -27.16
C TRP C 99 -6.15 -56.83 -28.00
N GLY C 100 -5.18 -56.12 -28.60
CA GLY C 100 -4.13 -56.66 -29.44
C GLY C 100 -3.34 -57.83 -28.87
N ILE C 101 -2.94 -57.73 -27.58
CA ILE C 101 -2.20 -58.77 -26.86
C ILE C 101 -3.03 -60.06 -26.79
N GLN C 102 -4.30 -59.95 -26.32
CA GLN C 102 -5.23 -61.07 -26.15
C GLN C 102 -5.58 -61.76 -27.45
N PHE C 103 -5.63 -60.96 -28.53
CA PHE C 103 -5.92 -61.42 -29.87
C PHE C 103 -4.80 -62.38 -30.33
N GLN C 104 -3.53 -61.99 -30.08
CA GLN C 104 -2.33 -62.78 -30.40
C GLN C 104 -2.29 -64.06 -29.55
N ILE C 105 -2.63 -63.95 -28.25
CA ILE C 105 -2.68 -65.06 -27.29
C ILE C 105 -3.68 -66.15 -27.70
N GLU C 106 -4.88 -65.74 -28.17
CA GLU C 106 -5.94 -66.64 -28.64
C GLU C 106 -5.43 -67.46 -29.84
N GLN C 107 -4.79 -66.78 -30.82
CA GLN C 107 -4.19 -67.36 -32.03
C GLN C 107 -3.12 -68.40 -31.63
N ASN C 108 -2.25 -68.04 -30.64
CA ASN C 108 -1.19 -68.90 -30.12
C ASN C 108 -1.74 -70.14 -29.41
N LEU C 109 -2.81 -69.97 -28.60
CA LEU C 109 -3.48 -71.08 -27.90
C LEU C 109 -4.12 -72.04 -28.88
N GLU C 110 -4.66 -71.49 -29.97
CA GLU C 110 -5.32 -72.27 -31.01
C GLU C 110 -4.35 -73.18 -31.74
N LEU C 111 -3.12 -72.69 -32.03
CA LEU C 111 -2.07 -73.48 -32.69
C LEU C 111 -1.61 -74.69 -31.86
N ILE C 112 -1.67 -74.54 -30.52
CA ILE C 112 -1.35 -75.59 -29.55
C ILE C 112 -2.53 -76.58 -29.49
N GLN C 113 -3.78 -76.05 -29.41
CA GLN C 113 -5.01 -76.86 -29.38
C GLN C 113 -5.19 -77.67 -30.68
N ASN C 114 -4.76 -77.11 -31.84
CA ASN C 114 -4.81 -77.74 -33.16
C ASN C 114 -3.92 -78.97 -33.23
N GLY C 115 -2.79 -78.90 -32.53
CA GLY C 115 -1.83 -79.97 -32.47
C GLY C 115 -0.45 -79.48 -32.88
N VAL C 116 0.50 -79.61 -31.95
CA VAL C 116 1.91 -79.24 -32.14
C VAL C 116 2.59 -80.15 -33.20
N GLU C 117 2.04 -81.36 -33.39
CA GLU C 117 2.46 -82.37 -34.37
C GLU C 117 2.27 -81.89 -35.83
N ASN C 118 1.22 -81.06 -36.06
CA ASN C 118 0.86 -80.48 -37.36
C ASN C 118 1.72 -79.23 -37.69
N LEU C 119 2.81 -79.03 -36.93
CA LEU C 119 3.74 -77.93 -37.07
C LEU C 119 5.17 -78.43 -37.30
N SER C 120 5.88 -77.79 -38.26
CA SER C 120 7.27 -78.10 -38.60
C SER C 120 8.19 -77.63 -37.46
N GLN C 121 9.46 -78.09 -37.43
CA GLN C 121 10.46 -77.71 -36.43
C GLN C 121 10.66 -76.18 -36.37
N GLU C 122 10.57 -75.52 -37.54
CA GLU C 122 10.69 -74.06 -37.69
C GLU C 122 9.48 -73.32 -37.15
N GLU C 123 8.27 -73.83 -37.44
CA GLU C 123 6.99 -73.27 -36.98
C GLU C 123 6.88 -73.41 -35.46
N SER C 124 7.33 -74.57 -34.91
CA SER C 124 7.33 -74.88 -33.48
C SER C 124 8.25 -73.92 -32.72
N LYS C 125 9.44 -73.64 -33.28
CA LYS C 125 10.45 -72.72 -32.74
C LYS C 125 9.88 -71.30 -32.67
N SER C 126 9.26 -70.83 -33.76
CA SER C 126 8.66 -69.50 -33.87
C SER C 126 7.49 -69.32 -32.93
N LEU C 127 6.60 -70.34 -32.79
CA LEU C 127 5.45 -70.26 -31.88
C LEU C 127 5.89 -70.08 -30.44
N LEU C 128 6.89 -70.86 -29.99
CA LEU C 128 7.42 -70.75 -28.62
C LEU C 128 7.98 -69.36 -28.37
N MET C 129 8.74 -68.82 -29.34
CA MET C 129 9.33 -67.49 -29.31
C MET C 129 8.24 -66.42 -29.21
N GLN C 130 7.19 -66.52 -30.06
CA GLN C 130 6.03 -65.61 -30.10
C GLN C 130 5.31 -65.56 -28.76
N ILE C 131 5.00 -66.74 -28.17
CA ILE C 131 4.33 -66.88 -26.88
C ILE C 131 5.13 -66.17 -25.78
N LYS C 132 6.46 -66.41 -25.75
CA LYS C 132 7.36 -65.79 -24.78
C LYS C 132 7.39 -64.27 -24.94
N SER C 133 7.38 -63.76 -26.20
CA SER C 133 7.35 -62.33 -26.51
C SER C 133 6.06 -61.67 -26.00
N ASN C 134 4.91 -62.35 -26.22
CA ASN C 134 3.59 -61.90 -25.78
C ASN C 134 3.48 -61.89 -24.25
N LEU C 135 4.02 -62.93 -23.58
CA LEU C 135 4.02 -63.04 -22.12
C LEU C 135 4.90 -61.96 -21.51
N GLU C 136 6.02 -61.61 -22.20
CA GLU C 136 6.93 -60.54 -21.81
C GLU C 136 6.20 -59.21 -21.91
N ILE C 137 5.42 -58.98 -23.01
CA ILE C 137 4.62 -57.76 -23.21
C ILE C 137 3.57 -57.63 -22.10
N LYS C 138 2.84 -58.72 -21.78
CA LYS C 138 1.83 -58.75 -20.71
C LYS C 138 2.42 -58.29 -19.35
N GLN C 139 3.74 -58.48 -19.13
CA GLN C 139 4.47 -58.03 -17.94
C GLN C 139 4.93 -56.57 -18.13
N ARG C 140 5.47 -56.24 -19.31
CA ARG C 140 5.93 -54.88 -19.66
C ARG C 140 4.80 -53.89 -19.39
N LEU C 141 3.56 -54.22 -19.86
CA LEU C 141 2.36 -53.42 -19.68
C LEU C 141 2.00 -53.29 -18.21
N LYS C 142 2.03 -54.40 -17.46
CA LYS C 142 1.75 -54.41 -16.02
C LYS C 142 2.65 -53.42 -15.28
N LYS C 143 3.96 -53.41 -15.62
CA LYS C 143 4.94 -52.50 -15.02
C LYS C 143 4.75 -51.03 -15.47
N THR C 144 4.08 -50.81 -16.62
CA THR C 144 3.78 -49.48 -17.15
C THR C 144 2.55 -48.89 -16.47
N LEU C 145 1.46 -49.69 -16.32
CA LEU C 145 0.23 -49.26 -15.64
C LEU C 145 0.52 -48.89 -14.18
N ASN C 146 1.50 -49.58 -13.56
CA ASN C 146 1.96 -49.32 -12.20
C ASN C 146 2.56 -47.92 -12.10
N GLU C 147 3.37 -47.54 -13.10
CA GLU C 147 3.97 -46.22 -13.24
C GLU C 147 2.87 -45.16 -13.51
N THR C 148 1.87 -45.52 -14.36
CA THR C 148 0.73 -44.64 -14.67
C THR C 148 -0.03 -44.28 -13.39
N LEU C 149 -0.31 -45.29 -12.53
CA LEU C 149 -1.00 -45.12 -11.24
C LEU C 149 -0.15 -44.29 -10.27
N LYS C 150 1.18 -44.47 -10.30
CA LYS C 150 2.14 -43.73 -9.48
C LYS C 150 2.13 -42.25 -9.90
N VAL C 151 2.07 -41.96 -11.22
CA VAL C 151 2.01 -40.60 -11.78
C VAL C 151 0.71 -39.89 -11.33
N TYR C 152 -0.43 -40.58 -11.43
CA TYR C 152 -1.73 -40.07 -11.01
C TYR C 152 -1.80 -39.81 -9.51
N ASN C 153 -1.25 -40.76 -8.69
CA ASN C 153 -1.21 -40.64 -7.23
C ASN C 153 -0.33 -39.47 -6.79
N GLN C 154 0.83 -39.29 -7.47
CA GLN C 154 1.77 -38.19 -7.23
C GLN C 154 1.12 -36.84 -7.47
N ASN C 155 0.37 -36.69 -8.57
CA ASN C 155 -0.34 -35.47 -8.93
C ASN C 155 -1.40 -35.08 -7.90
N THR C 156 -2.19 -36.08 -7.45
CA THR C 156 -3.25 -35.96 -6.43
C THR C 156 -2.62 -35.42 -5.11
N GLN C 157 -1.49 -36.02 -4.71
CA GLN C 157 -0.70 -35.69 -3.52
C GLN C 157 -0.12 -34.26 -3.60
N ASP C 158 0.41 -33.90 -4.79
CA ASP C 158 0.98 -32.58 -5.08
C ASP C 158 -0.09 -31.50 -4.99
N ASN C 159 -1.32 -31.79 -5.47
CA ASN C 159 -2.48 -30.88 -5.40
C ASN C 159 -2.81 -30.56 -3.92
N GLU C 160 -2.77 -31.58 -3.02
CA GLU C 160 -3.01 -31.37 -1.58
C GLU C 160 -1.94 -30.44 -0.99
N LYS C 161 -0.66 -30.69 -1.30
CA LYS C 161 0.48 -29.91 -0.84
C LYS C 161 0.34 -28.43 -1.27
N ILE C 162 0.03 -28.18 -2.55
CA ILE C 162 -0.15 -26.84 -3.12
C ILE C 162 -1.32 -26.10 -2.47
N LEU C 163 -2.49 -26.76 -2.32
CA LEU C 163 -3.67 -26.16 -1.68
C LEU C 163 -3.38 -25.78 -0.20
N ALA C 164 -2.66 -26.65 0.52
CA ALA C 164 -2.29 -26.43 1.92
C ALA C 164 -1.37 -25.21 2.07
N GLU C 165 -0.30 -25.12 1.25
CA GLU C 165 0.62 -23.97 1.33
C GLU C 165 -0.08 -22.65 0.98
N HIS C 166 -1.04 -22.68 0.03
CA HIS C 166 -1.86 -21.53 -0.37
C HIS C 166 -2.73 -21.08 0.81
N PHE C 167 -3.38 -22.03 1.49
CA PHE C 167 -4.23 -21.80 2.64
C PHE C 167 -3.48 -21.20 3.82
N ASN C 168 -2.30 -21.75 4.15
CA ASN C 168 -1.48 -21.24 5.24
C ASN C 168 -0.90 -19.87 4.93
N LYS C 169 -0.68 -19.56 3.63
CA LYS C 169 -0.18 -18.26 3.20
C LYS C 169 -1.24 -17.17 3.35
N TYR C 170 -2.45 -17.40 2.81
CA TYR C 170 -3.53 -16.42 2.77
C TYR C 170 -4.59 -16.47 3.88
N TYR C 171 -4.85 -17.62 4.52
CA TYR C 171 -5.95 -17.67 5.50
C TYR C 171 -5.50 -17.72 6.98
N LYS C 172 -4.22 -17.41 7.26
CA LYS C 172 -3.65 -17.33 8.62
C LYS C 172 -4.49 -16.35 9.47
N ASP C 173 -4.81 -15.16 8.92
CA ASP C 173 -5.62 -14.13 9.58
C ASP C 173 -6.24 -13.19 8.54
N PHE C 174 -6.93 -12.12 9.00
CA PHE C 174 -7.55 -11.10 8.14
C PHE C 174 -6.49 -10.33 7.35
N ASP C 175 -5.32 -10.07 7.97
CA ASP C 175 -4.23 -9.33 7.35
C ASP C 175 -3.48 -10.10 6.25
N THR C 176 -3.58 -11.46 6.20
CA THR C 176 -2.90 -12.28 5.17
C THR C 176 -3.70 -12.36 3.86
N LEU C 177 -4.92 -11.81 3.83
CA LEU C 177 -5.81 -11.78 2.66
C LEU C 177 -5.24 -10.92 1.55
N LYS C 178 -5.68 -11.17 0.30
CA LYS C 178 -5.28 -10.42 -0.89
C LYS C 178 -5.90 -9.02 -0.81
N PRO C 179 -5.20 -7.93 -1.19
CA PRO C 179 -5.83 -6.60 -1.09
C PRO C 179 -6.98 -6.40 -2.09
N ALA C 180 -7.91 -5.49 -1.76
CA ALA C 180 -9.10 -5.15 -2.55
C ALA C 180 -8.78 -4.53 -3.91
N GLU D 1 -23.52 14.44 13.29
CA GLU D 1 -23.79 15.11 12.03
C GLU D 1 -22.52 15.77 11.41
N THR D 2 -22.24 15.56 10.09
CA THR D 2 -23.03 14.72 9.16
C THR D 2 -22.59 13.26 9.17
N ILE D 3 -21.90 12.83 10.25
CA ILE D 3 -21.49 11.44 10.43
C ILE D 3 -22.78 10.63 10.63
N ALA D 4 -23.79 11.23 11.30
CA ALA D 4 -25.11 10.66 11.55
C ALA D 4 -25.87 10.39 10.23
N SER D 5 -25.64 11.25 9.21
CA SER D 5 -26.25 11.13 7.88
C SER D 5 -25.55 10.01 7.10
N GLU D 6 -24.21 9.93 7.23
CA GLU D 6 -23.31 8.94 6.62
C GLU D 6 -23.63 7.54 7.15
N LEU D 7 -23.78 7.42 8.49
CA LEU D 7 -24.09 6.18 9.20
C LEU D 7 -25.44 5.59 8.82
N LYS D 8 -26.50 6.44 8.81
CA LYS D 8 -27.87 6.02 8.43
C LYS D 8 -27.90 5.52 6.97
N ALA D 9 -27.08 6.15 6.09
CA ALA D 9 -26.95 5.79 4.68
C ALA D 9 -26.19 4.47 4.51
N ILE D 10 -25.06 4.30 5.24
CA ILE D 10 -24.24 3.09 5.19
C ILE D 10 -24.99 1.90 5.86
N GLY D 11 -25.92 2.22 6.77
CA GLY D 11 -26.76 1.24 7.46
C GLY D 11 -27.85 0.70 6.56
N LYS D 12 -28.43 1.60 5.72
CA LYS D 12 -29.45 1.27 4.72
C LYS D 12 -28.80 0.38 3.65
N GLU D 13 -27.56 0.71 3.23
CA GLU D 13 -26.73 0.02 2.25
C GLU D 13 -26.50 -1.44 2.69
N LEU D 14 -26.08 -1.63 3.97
CA LEU D 14 -25.84 -2.94 4.60
C LEU D 14 -27.13 -3.74 4.71
N GLU D 15 -28.27 -3.08 4.99
CA GLU D 15 -29.57 -3.74 5.10
C GLU D 15 -30.09 -4.24 3.75
N ASP D 16 -29.72 -3.55 2.66
CA ASP D 16 -30.06 -3.93 1.29
C ASP D 16 -29.25 -5.18 0.92
N GLN D 17 -27.91 -5.15 1.17
CA GLN D 17 -26.95 -6.25 0.96
C GLN D 17 -27.46 -7.52 1.62
N LYS D 18 -28.00 -7.39 2.86
CA LYS D 18 -28.55 -8.46 3.69
C LYS D 18 -29.84 -9.04 3.12
N LYS D 19 -30.71 -8.17 2.58
CA LYS D 19 -32.00 -8.55 1.99
C LYS D 19 -31.80 -9.32 0.68
N GLU D 20 -30.89 -8.83 -0.19
CA GLU D 20 -30.58 -9.49 -1.46
C GLU D 20 -29.85 -10.83 -1.23
N GLU D 21 -28.94 -10.89 -0.21
CA GLU D 21 -28.23 -12.15 0.08
C GLU D 21 -29.21 -13.19 0.64
N ASN D 22 -30.19 -12.77 1.47
CA ASN D 22 -31.25 -13.66 2.01
C ASN D 22 -32.05 -14.33 0.89
N ILE D 23 -32.34 -13.59 -0.20
CA ILE D 23 -33.08 -14.07 -1.38
C ILE D 23 -32.19 -15.05 -2.17
N GLN D 24 -30.96 -14.62 -2.49
CA GLN D 24 -29.97 -15.39 -3.22
C GLN D 24 -29.59 -16.71 -2.54
N ILE D 25 -29.54 -16.71 -1.19
CA ILE D 25 -29.24 -17.89 -0.38
C ILE D 25 -30.42 -18.87 -0.42
N ALA D 26 -31.68 -18.34 -0.35
CA ALA D 26 -32.92 -19.12 -0.39
C ALA D 26 -33.05 -19.94 -1.67
N LYS D 27 -32.63 -19.37 -2.83
CA LYS D 27 -32.68 -20.04 -4.12
C LYS D 27 -31.67 -21.19 -4.20
N ILE D 28 -30.45 -21.02 -3.60
CA ILE D 28 -29.37 -22.02 -3.55
C ILE D 28 -29.84 -23.27 -2.76
N ALA D 29 -30.66 -23.05 -1.70
CA ALA D 29 -31.23 -24.10 -0.86
C ALA D 29 -32.29 -24.92 -1.63
N LYS D 30 -33.02 -24.26 -2.56
CA LYS D 30 -34.03 -24.89 -3.40
C LYS D 30 -33.38 -25.61 -4.58
N GLU D 31 -32.32 -24.99 -5.16
CA GLU D 31 -31.55 -25.54 -6.28
C GLU D 31 -30.56 -26.64 -5.82
N LYS D 32 -30.66 -27.04 -4.54
CA LYS D 32 -29.98 -28.09 -3.80
C LYS D 32 -28.44 -28.19 -3.99
N PHE D 33 -27.72 -27.05 -3.89
CA PHE D 33 -26.25 -27.04 -3.94
C PHE D 33 -25.67 -26.23 -2.77
N ASP D 34 -26.45 -26.13 -1.68
CA ASP D 34 -26.10 -25.46 -0.43
C ASP D 34 -25.33 -26.47 0.44
N PHE D 35 -24.06 -26.74 0.08
CA PHE D 35 -23.19 -27.71 0.78
C PHE D 35 -22.91 -27.34 2.23
N LEU D 36 -22.89 -26.03 2.54
CA LEU D 36 -22.61 -25.52 3.88
C LEU D 36 -23.66 -25.92 4.92
N SER D 37 -24.88 -26.26 4.47
CA SER D 37 -25.95 -26.72 5.35
C SER D 37 -25.56 -28.04 6.04
N THR D 38 -24.81 -28.91 5.30
CA THR D 38 -24.37 -30.26 5.72
C THR D 38 -22.85 -30.37 6.01
N PHE D 39 -22.08 -29.28 5.75
CA PHE D 39 -20.63 -29.26 5.88
C PHE D 39 -20.10 -29.32 7.33
N LYS D 40 -19.26 -30.35 7.57
CA LYS D 40 -18.55 -30.63 8.82
C LYS D 40 -17.05 -30.57 8.55
N VAL D 41 -16.25 -29.96 9.47
CA VAL D 41 -14.78 -29.91 9.34
C VAL D 41 -14.26 -31.29 9.79
N GLY D 42 -14.50 -31.62 11.06
CA GLY D 42 -14.20 -32.93 11.63
C GLY D 42 -15.32 -33.90 11.33
N PRO D 43 -15.25 -35.18 11.74
CA PRO D 43 -16.35 -36.11 11.42
C PRO D 43 -17.55 -36.04 12.38
N TYR D 44 -17.28 -35.86 13.66
CA TYR D 44 -18.21 -35.85 14.78
C TYR D 44 -18.74 -34.43 15.12
N ASP D 45 -18.50 -33.45 14.24
CA ASP D 45 -18.86 -32.07 14.48
C ASP D 45 -20.37 -31.80 14.37
N LEU D 46 -20.94 -31.11 15.37
CA LEU D 46 -22.36 -30.71 15.37
C LEU D 46 -22.50 -29.38 14.56
N ILE D 47 -23.63 -29.18 13.85
CA ILE D 47 -23.84 -27.99 13.01
C ILE D 47 -24.96 -27.05 13.55
N ASP D 48 -24.62 -25.76 13.79
CA ASP D 48 -25.58 -24.73 14.25
C ASP D 48 -26.08 -23.91 13.05
N GLU D 49 -27.41 -23.84 12.86
CA GLU D 49 -28.07 -23.14 11.76
C GLU D 49 -27.76 -21.62 11.66
N ASP D 50 -27.65 -20.95 12.83
CA ASP D 50 -27.35 -19.51 12.92
C ASP D 50 -25.90 -19.20 12.50
N ILE D 51 -24.95 -20.05 12.96
CA ILE D 51 -23.54 -19.95 12.65
C ILE D 51 -23.35 -20.22 11.15
N GLN D 52 -24.01 -21.28 10.63
CA GLN D 52 -23.93 -21.64 9.22
C GLN D 52 -24.48 -20.55 8.32
N MET D 53 -25.59 -19.88 8.74
CA MET D 53 -26.23 -18.78 8.00
C MET D 53 -25.23 -17.67 7.67
N LYS D 54 -24.49 -17.24 8.71
CA LYS D 54 -23.44 -16.23 8.60
C LYS D 54 -22.31 -16.69 7.66
N ILE D 55 -21.89 -17.97 7.74
CA ILE D 55 -20.86 -18.55 6.87
C ILE D 55 -21.33 -18.53 5.40
N LYS D 56 -22.61 -18.94 5.15
CA LYS D 56 -23.27 -18.94 3.83
C LYS D 56 -23.26 -17.53 3.24
N ARG D 57 -23.63 -16.52 4.09
CA ARG D 57 -23.65 -15.10 3.71
C ARG D 57 -22.31 -14.64 3.16
N THR D 58 -21.20 -14.95 3.86
CA THR D 58 -19.85 -14.57 3.46
C THR D 58 -19.36 -15.34 2.24
N LEU D 59 -19.38 -16.68 2.32
CA LEU D 59 -18.86 -17.55 1.26
C LEU D 59 -19.68 -17.50 -0.04
N TYR D 60 -21.03 -17.53 0.00
CA TYR D 60 -21.81 -17.47 -1.24
C TYR D 60 -21.78 -16.07 -1.89
N SER D 61 -21.58 -14.99 -1.09
CA SER D 61 -21.47 -13.61 -1.59
C SER D 61 -20.18 -13.45 -2.37
N SER D 62 -19.05 -13.90 -1.76
CA SER D 62 -17.71 -13.85 -2.34
C SER D 62 -17.62 -14.65 -3.67
N LEU D 63 -18.45 -15.70 -3.82
CA LEU D 63 -18.48 -16.53 -5.03
C LEU D 63 -19.60 -16.11 -6.00
N ASP D 64 -20.26 -14.95 -5.74
CA ASP D 64 -21.33 -14.37 -6.54
C ASP D 64 -22.52 -15.32 -6.77
N TYR D 65 -22.76 -16.22 -5.78
CA TYR D 65 -23.82 -17.23 -5.76
C TYR D 65 -23.79 -18.18 -6.99
N LYS D 66 -22.63 -18.25 -7.68
CA LYS D 66 -22.40 -19.09 -8.86
C LYS D 66 -22.23 -20.55 -8.42
N LYS D 67 -23.08 -21.44 -8.99
CA LYS D 67 -23.09 -22.88 -8.72
C LYS D 67 -21.74 -23.54 -8.98
N GLU D 68 -21.08 -23.14 -10.10
CA GLU D 68 -19.78 -23.64 -10.52
C GLU D 68 -18.70 -23.39 -9.47
N ASN D 69 -18.60 -22.14 -8.97
CA ASN D 69 -17.65 -21.74 -7.94
C ASN D 69 -17.97 -22.36 -6.59
N ILE D 70 -19.28 -22.41 -6.20
CA ILE D 70 -19.74 -22.99 -4.93
C ILE D 70 -19.35 -24.48 -4.89
N GLU D 71 -19.55 -25.22 -6.00
CA GLU D 71 -19.18 -26.64 -6.12
C GLU D 71 -17.66 -26.81 -6.05
N LYS D 72 -16.91 -25.93 -6.71
CA LYS D 72 -15.44 -25.96 -6.70
C LYS D 72 -14.88 -25.74 -5.30
N LEU D 73 -15.50 -24.84 -4.49
CA LEU D 73 -15.07 -24.60 -3.11
C LEU D 73 -15.29 -25.86 -2.28
N LYS D 74 -16.45 -26.53 -2.48
CA LYS D 74 -16.82 -27.79 -1.82
C LYS D 74 -15.70 -28.81 -2.07
N GLU D 75 -15.27 -28.95 -3.34
CA GLU D 75 -14.19 -29.84 -3.78
C GLU D 75 -12.86 -29.55 -3.10
N ILE D 76 -12.47 -28.24 -3.01
CA ILE D 76 -11.23 -27.77 -2.36
C ILE D 76 -11.22 -28.18 -0.89
N LEU D 77 -12.29 -27.84 -0.15
CA LEU D 77 -12.43 -28.15 1.27
C LEU D 77 -12.42 -29.66 1.53
N GLU D 78 -13.11 -30.45 0.66
CA GLU D 78 -13.16 -31.92 0.71
C GLU D 78 -11.75 -32.55 0.57
N ILE D 79 -10.90 -31.99 -0.33
CA ILE D 79 -9.50 -32.42 -0.55
C ILE D 79 -8.66 -32.23 0.73
N LEU D 80 -8.71 -31.02 1.34
CA LEU D 80 -7.98 -30.67 2.56
C LEU D 80 -8.48 -31.42 3.80
N LYS D 81 -9.80 -31.73 3.83
CA LYS D 81 -10.48 -32.47 4.89
C LYS D 81 -9.92 -33.86 5.12
N LYS D 82 -9.35 -34.48 4.05
CA LYS D 82 -8.76 -35.83 4.08
C LYS D 82 -7.64 -35.94 5.12
N ASN D 83 -6.78 -34.90 5.21
CA ASN D 83 -5.70 -34.86 6.19
C ASN D 83 -6.13 -34.02 7.39
N SER D 84 -6.11 -34.63 8.60
CA SER D 84 -6.46 -34.01 9.87
C SER D 84 -5.56 -32.83 10.24
N GLU D 85 -4.36 -32.72 9.60
CA GLU D 85 -3.40 -31.64 9.79
C GLU D 85 -3.94 -30.30 9.23
N HIS D 86 -4.89 -30.38 8.28
CA HIS D 86 -5.49 -29.22 7.62
C HIS D 86 -6.78 -28.71 8.30
N TYR D 87 -7.23 -29.42 9.35
CA TYR D 87 -8.45 -29.10 10.10
C TYR D 87 -8.46 -27.69 10.70
N ASN D 88 -7.30 -27.23 11.22
CA ASN D 88 -7.17 -25.90 11.83
C ASN D 88 -7.37 -24.77 10.82
N ILE D 89 -6.64 -24.83 9.68
CA ILE D 89 -6.68 -23.80 8.63
C ILE D 89 -8.07 -23.70 7.96
N ILE D 90 -8.82 -24.83 7.89
CA ILE D 90 -10.20 -24.85 7.35
C ILE D 90 -11.08 -24.00 8.33
N GLY D 91 -10.91 -24.22 9.64
CA GLY D 91 -11.61 -23.50 10.70
C GLY D 91 -11.33 -22.00 10.72
N ARG D 92 -10.07 -21.62 10.37
CA ARG D 92 -9.64 -20.22 10.28
C ARG D 92 -10.50 -19.48 9.26
N LEU D 93 -10.70 -20.12 8.08
CA LEU D 93 -11.52 -19.58 7.00
C LEU D 93 -13.02 -19.64 7.29
N ILE D 94 -13.53 -20.82 7.70
CA ILE D 94 -14.95 -21.07 7.95
C ILE D 94 -15.49 -20.29 9.17
N TYR D 95 -14.80 -20.34 10.30
CA TYR D 95 -15.32 -19.71 11.50
C TYR D 95 -14.76 -18.33 11.77
N HIS D 96 -13.46 -18.23 12.08
CA HIS D 96 -12.82 -16.96 12.42
C HIS D 96 -13.03 -15.85 11.38
N ILE D 97 -12.93 -16.19 10.09
CA ILE D 97 -13.08 -15.20 9.02
C ILE D 97 -14.54 -15.09 8.52
N SER D 98 -15.11 -16.18 7.94
CA SER D 98 -16.44 -16.17 7.35
C SER D 98 -17.58 -15.84 8.33
N TRP D 99 -17.60 -16.48 9.51
CA TRP D 99 -18.60 -16.19 10.53
C TRP D 99 -18.27 -14.86 11.24
N GLY D 100 -16.99 -14.66 11.55
CA GLY D 100 -16.44 -13.50 12.23
C GLY D 100 -16.82 -12.16 11.63
N ILE D 101 -16.74 -12.04 10.29
CA ILE D 101 -17.10 -10.83 9.54
C ILE D 101 -18.57 -10.47 9.78
N GLN D 102 -19.48 -11.45 9.55
CA GLN D 102 -20.94 -11.29 9.68
C GLN D 102 -21.37 -10.94 11.08
N PHE D 103 -20.63 -11.49 12.06
CA PHE D 103 -20.87 -11.26 13.48
C PHE D 103 -20.64 -9.78 13.80
N GLN D 104 -19.52 -9.20 13.28
CA GLN D 104 -19.16 -7.80 13.43
C GLN D 104 -20.17 -6.89 12.73
N ILE D 105 -20.62 -7.29 11.52
CA ILE D 105 -21.60 -6.56 10.70
C ILE D 105 -22.96 -6.43 11.42
N GLU D 106 -23.43 -7.53 12.04
CA GLU D 106 -24.68 -7.57 12.80
C GLU D 106 -24.62 -6.54 13.97
N GLN D 107 -23.51 -6.55 14.74
CA GLN D 107 -23.22 -5.65 15.85
C GLN D 107 -23.25 -4.17 15.37
N ASN D 108 -22.62 -3.90 14.20
CA ASN D 108 -22.56 -2.57 13.59
C ASN D 108 -23.93 -2.10 13.12
N LEU D 109 -24.74 -3.00 12.53
CA LEU D 109 -26.10 -2.69 12.09
C LEU D 109 -27.00 -2.37 13.28
N GLU D 110 -26.78 -3.09 14.39
CA GLU D 110 -27.55 -2.92 15.61
C GLU D 110 -27.32 -1.54 16.23
N LEU D 111 -26.06 -1.05 16.24
CA LEU D 111 -25.73 0.29 16.77
C LEU D 111 -26.42 1.42 15.99
N ILE D 112 -26.64 1.20 14.67
CA ILE D 112 -27.33 2.13 13.79
C ILE D 112 -28.85 2.04 14.06
N GLN D 113 -29.38 0.80 14.16
CA GLN D 113 -30.79 0.54 14.46
C GLN D 113 -31.20 1.06 15.84
N ASN D 114 -30.27 1.00 16.83
CA ASN D 114 -30.47 1.50 18.20
C ASN D 114 -30.66 3.01 18.24
N GLY D 115 -29.97 3.69 17.33
CA GLY D 115 -30.02 5.13 17.21
C GLY D 115 -28.64 5.75 17.27
N VAL D 116 -28.26 6.44 16.19
CA VAL D 116 -26.98 7.15 16.06
C VAL D 116 -26.89 8.33 17.05
N GLU D 117 -28.07 8.84 17.50
CA GLU D 117 -28.24 9.91 18.47
C GLU D 117 -27.75 9.53 19.87
N ASN D 118 -27.86 8.22 20.21
CA ASN D 118 -27.41 7.63 21.48
C ASN D 118 -25.90 7.35 21.48
N LEU D 119 -25.17 7.93 20.50
CA LEU D 119 -23.72 7.77 20.33
C LEU D 119 -23.02 9.14 20.33
N SER D 120 -21.89 9.22 21.04
CA SER D 120 -21.04 10.42 21.14
C SER D 120 -20.29 10.62 19.81
N GLN D 121 -19.71 11.82 19.62
CA GLN D 121 -18.94 12.16 18.41
C GLN D 121 -17.79 11.16 18.15
N GLU D 122 -17.16 10.68 19.24
CA GLU D 122 -16.07 9.71 19.20
C GLU D 122 -16.54 8.32 18.82
N GLU D 123 -17.69 7.89 19.40
CA GLU D 123 -18.31 6.59 19.14
C GLU D 123 -18.80 6.53 17.69
N SER D 124 -19.38 7.65 17.19
CA SER D 124 -19.89 7.80 15.83
C SER D 124 -18.77 7.67 14.80
N LYS D 125 -17.61 8.31 15.11
CA LYS D 125 -16.40 8.30 14.29
C LYS D 125 -15.85 6.87 14.16
N SER D 126 -15.74 6.16 15.30
CA SER D 126 -15.23 4.80 15.37
C SER D 126 -16.13 3.80 14.66
N LEU D 127 -17.47 3.93 14.80
CA LEU D 127 -18.43 3.04 14.15
C LEU D 127 -18.31 3.12 12.63
N LEU D 128 -18.21 4.35 12.07
CA LEU D 128 -18.07 4.55 10.63
C LEU D 128 -16.77 3.91 10.12
N MET D 129 -15.68 4.08 10.87
CA MET D 129 -14.36 3.51 10.58
C MET D 129 -14.44 1.99 10.57
N GLN D 130 -15.04 1.39 11.62
CA GLN D 130 -15.24 -0.05 11.79
C GLN D 130 -16.01 -0.65 10.61
N ILE D 131 -17.14 -0.04 10.22
CA ILE D 131 -17.99 -0.49 9.11
C ILE D 131 -17.18 -0.52 7.82
N LYS D 132 -16.42 0.54 7.55
CA LYS D 132 -15.56 0.66 6.37
C LYS D 132 -14.48 -0.42 6.35
N SER D 133 -13.88 -0.73 7.53
CA SER D 133 -12.85 -1.77 7.69
C SER D 133 -13.43 -3.16 7.39
N ASN D 134 -14.64 -3.44 7.88
CA ASN D 134 -15.34 -4.71 7.68
C ASN D 134 -15.76 -4.87 6.20
N LEU D 135 -16.23 -3.79 5.55
CA LEU D 135 -16.61 -3.81 4.14
C LEU D 135 -15.39 -4.03 3.27
N GLU D 136 -14.23 -3.49 3.68
CA GLU D 136 -12.95 -3.67 3.00
C GLU D 136 -12.53 -5.14 3.09
N ILE D 137 -12.68 -5.76 4.29
CA ILE D 137 -12.36 -7.17 4.52
C ILE D 137 -13.25 -8.07 3.64
N LYS D 138 -14.58 -7.80 3.59
CA LYS D 138 -15.55 -8.53 2.77
C LYS D 138 -15.12 -8.58 1.27
N GLN D 139 -14.37 -7.55 0.82
CA GLN D 139 -13.82 -7.45 -0.54
C GLN D 139 -12.47 -8.17 -0.63
N ARG D 140 -11.59 -7.97 0.38
CA ARG D 140 -10.28 -8.62 0.48
C ARG D 140 -10.44 -10.14 0.34
N LEU D 141 -11.42 -10.71 1.07
CA LEU D 141 -11.75 -12.12 1.05
C LEU D 141 -12.25 -12.57 -0.32
N LYS D 142 -13.15 -11.78 -0.95
CA LYS D 142 -13.69 -12.05 -2.28
C LYS D 142 -12.54 -12.20 -3.29
N LYS D 143 -11.54 -11.30 -3.23
CA LYS D 143 -10.37 -11.31 -4.11
C LYS D 143 -9.40 -12.46 -3.81
N THR D 144 -9.47 -13.03 -2.59
CA THR D 144 -8.64 -14.17 -2.16
C THR D 144 -9.26 -15.49 -2.65
N LEU D 145 -10.60 -15.67 -2.49
CA LEU D 145 -11.31 -16.87 -2.95
C LEU D 145 -11.17 -17.02 -4.46
N ASN D 146 -11.12 -15.87 -5.19
CA ASN D 146 -10.93 -15.83 -6.65
C ASN D 146 -9.58 -16.44 -7.03
N GLU D 147 -8.52 -16.09 -6.27
CA GLU D 147 -7.16 -16.62 -6.42
C GLU D 147 -7.15 -18.12 -6.06
N THR D 148 -7.89 -18.51 -4.99
CA THR D 148 -8.01 -19.90 -4.55
C THR D 148 -8.57 -20.76 -5.69
N LEU D 149 -9.66 -20.29 -6.35
CA LEU D 149 -10.31 -20.96 -7.49
C LEU D 149 -9.37 -21.05 -8.69
N LYS D 150 -8.55 -20.00 -8.91
CA LYS D 150 -7.56 -19.94 -10.00
C LYS D 150 -6.47 -21.01 -9.76
N VAL D 151 -6.03 -21.16 -8.50
CA VAL D 151 -5.00 -22.15 -8.10
C VAL D 151 -5.53 -23.58 -8.32
N TYR D 152 -6.78 -23.85 -7.92
CA TYR D 152 -7.44 -25.15 -8.08
C TYR D 152 -7.64 -25.49 -9.56
N ASN D 153 -8.07 -24.50 -10.38
CA ASN D 153 -8.29 -24.68 -11.82
C ASN D 153 -6.98 -24.98 -12.54
N GLN D 154 -5.88 -24.28 -12.14
CA GLN D 154 -4.53 -24.47 -12.68
C GLN D 154 -4.02 -25.89 -12.43
N ASN D 155 -4.22 -26.41 -11.19
CA ASN D 155 -3.80 -27.76 -10.79
C ASN D 155 -4.52 -28.84 -11.60
N THR D 156 -5.85 -28.68 -11.79
CA THR D 156 -6.72 -29.59 -12.56
C THR D 156 -6.19 -29.70 -14.01
N GLN D 157 -5.89 -28.53 -14.61
CA GLN D 157 -5.36 -28.35 -15.96
C GLN D 157 -3.97 -28.98 -16.13
N ASP D 158 -3.09 -28.78 -15.12
CA ASP D 158 -1.73 -29.32 -15.08
C ASP D 158 -1.75 -30.83 -15.02
N ASN D 159 -2.70 -31.43 -14.25
CA ASN D 159 -2.89 -32.87 -14.13
C ASN D 159 -3.24 -33.49 -15.52
N GLU D 160 -4.10 -32.81 -16.32
CA GLU D 160 -4.46 -33.27 -17.67
C GLU D 160 -3.19 -33.29 -18.56
N LYS D 161 -2.42 -32.18 -18.54
CA LYS D 161 -1.19 -32.01 -19.32
C LYS D 161 -0.18 -33.12 -19.00
N ILE D 162 0.07 -33.39 -17.70
CA ILE D 162 1.01 -34.40 -17.23
C ILE D 162 0.58 -35.81 -17.64
N LEU D 163 -0.72 -36.17 -17.46
CA LEU D 163 -1.24 -37.48 -17.86
C LEU D 163 -1.11 -37.71 -19.37
N ALA D 164 -1.40 -36.67 -20.18
CA ALA D 164 -1.29 -36.71 -21.64
C ALA D 164 0.13 -36.96 -22.10
N GLU D 165 1.11 -36.17 -21.59
CA GLU D 165 2.52 -36.35 -21.97
C GLU D 165 3.06 -37.74 -21.58
N HIS D 166 2.61 -38.29 -20.43
CA HIS D 166 2.97 -39.64 -19.94
C HIS D 166 2.44 -40.69 -20.92
N PHE D 167 1.17 -40.54 -21.33
CA PHE D 167 0.51 -41.44 -22.28
C PHE D 167 1.17 -41.45 -23.64
N ASN D 168 1.50 -40.28 -24.19
CA ASN D 168 2.18 -40.17 -25.48
C ASN D 168 3.61 -40.68 -25.43
N LYS D 169 4.26 -40.61 -24.25
CA LYS D 169 5.61 -41.11 -24.05
C LYS D 169 5.64 -42.65 -24.04
N TYR D 170 4.78 -43.27 -23.22
CA TYR D 170 4.77 -44.72 -23.02
C TYR D 170 3.78 -45.55 -23.84
N TYR D 171 2.64 -45.00 -24.30
CA TYR D 171 1.66 -45.84 -25.00
C TYR D 171 1.60 -45.66 -26.53
N LYS D 172 2.62 -45.00 -27.13
CA LYS D 172 2.75 -44.80 -28.58
C LYS D 172 2.71 -46.15 -29.30
N ASP D 173 3.46 -47.16 -28.78
CA ASP D 173 3.53 -48.52 -29.33
C ASP D 173 4.01 -49.50 -28.24
N PHE D 174 4.20 -50.78 -28.62
CA PHE D 174 4.70 -51.85 -27.74
C PHE D 174 6.14 -51.56 -27.28
N ASP D 175 6.96 -50.99 -28.17
CA ASP D 175 8.36 -50.67 -27.87
C ASP D 175 8.54 -49.47 -26.91
N THR D 176 7.52 -48.58 -26.74
CA THR D 176 7.62 -47.42 -25.84
C THR D 176 7.31 -47.78 -24.37
N LEU D 177 6.90 -49.04 -24.11
CA LEU D 177 6.59 -49.56 -22.77
C LEU D 177 7.85 -49.66 -21.91
N LYS D 178 7.67 -49.66 -20.57
CA LYS D 178 8.77 -49.76 -19.61
C LYS D 178 9.37 -51.18 -19.70
N PRO D 179 10.70 -51.39 -19.64
CA PRO D 179 11.23 -52.76 -19.74
C PRO D 179 10.87 -53.65 -18.54
N ALA D 180 10.79 -54.99 -18.77
CA ALA D 180 10.44 -55.98 -17.75
C ALA D 180 11.54 -56.18 -16.73
#